data_2AY2
#
_entry.id   2AY2
#
_cell.length_a   123.950
_cell.length_b   121.860
_cell.length_c   55.200
_cell.angle_alpha   90.00
_cell.angle_beta   90.00
_cell.angle_gamma   90.00
#
_symmetry.space_group_name_H-M   'P 21 21 21'
#
loop_
_entity.id
_entity.type
_entity.pdbx_description
1 polymer 'AROMATIC AMINO ACID AMINOTRANSFERASE'
2 non-polymer "PYRIDOXAL-5'-PHOSPHATE"
3 non-polymer 'CYCLOHEXANE PROPIONIC ACID'
4 water water
#
_entity_poly.entity_id   1
_entity_poly.type   'polypeptide(L)'
_entity_poly.pdbx_seq_one_letter_code
;MLGNLKPQAPDKILALMGEFRADPRQGKIDLGVGVYKDATGHTPIMRAVHAAEQRMLETETTKTYAGLSGEPEFQKAMGE
LILGDGLKSETTATLATVGGTGALRQALELARMANPDLRVFVSDPTWPNHVSIMNFMGLPVQTYRYFDAETRGVDFEGMK
ADLAAAKKGDMVLLHGCCHNPTGANLTLDQWAEIASILEKTGALPLIDLAYQGFGDGLEEDAAGTRLIASRIPEVLIAAS
CSKNFGIYRERTGCLLALCADAATRELAQGAMAFLNRQTYSFPPFHGAKIVSTVLTTPELRADWMAELEAVRSGMLRLRE
QLAGELRDLSGSDRFGFVAEHRGMFSRLGATPEQVKRIKEEFGIYMVGDSRINIAGLNDNTIPILARAIIEVGV
;
_entity_poly.pdbx_strand_id   A,B
#
loop_
_chem_comp.id
_chem_comp.type
_chem_comp.name
_chem_comp.formula
CXP non-polymer 'CYCLOHEXANE PROPIONIC ACID' 'C9 H16 O2'
PLP non-polymer PYRIDOXAL-5'-PHOSPHATE 'C8 H10 N O6 P'
#
# COMPACT_ATOMS: atom_id res chain seq x y z
N MET A 1 -11.15 -24.72 -3.17
CA MET A 1 -11.96 -23.48 -3.27
C MET A 1 -11.35 -22.48 -4.25
N LEU A 2 -10.04 -22.30 -4.18
CA LEU A 2 -9.36 -21.35 -5.05
C LEU A 2 -9.47 -21.68 -6.54
N GLY A 3 -9.84 -22.93 -6.85
CA GLY A 3 -9.99 -23.34 -8.23
C GLY A 3 -11.19 -22.68 -8.88
N ASN A 4 -12.07 -22.12 -8.06
CA ASN A 4 -13.28 -21.43 -8.54
C ASN A 4 -12.98 -19.96 -8.86
N LEU A 5 -11.69 -19.64 -8.95
CA LEU A 5 -11.23 -18.29 -9.23
C LEU A 5 -11.35 -18.06 -10.74
N LYS A 6 -11.78 -16.87 -11.13
CA LYS A 6 -11.89 -16.54 -12.55
C LYS A 6 -10.53 -16.02 -13.02
N PRO A 7 -10.11 -16.41 -14.24
CA PRO A 7 -8.82 -15.94 -14.73
C PRO A 7 -8.77 -14.42 -14.86
N GLN A 8 -7.75 -13.83 -14.24
CA GLN A 8 -7.57 -12.38 -14.30
C GLN A 8 -6.52 -12.08 -15.34
N ALA A 9 -6.82 -11.12 -16.21
CA ALA A 9 -5.92 -10.75 -17.29
C ALA A 9 -4.64 -10.05 -16.84
N PRO A 10 -3.52 -10.36 -17.53
CA PRO A 10 -2.22 -9.76 -17.22
C PRO A 10 -2.26 -8.25 -17.46
N ASP A 11 -1.24 -7.55 -17.00
CA ASP A 11 -1.17 -6.10 -17.15
C ASP A 11 -0.92 -5.63 -18.59
N LYS A 12 -0.69 -6.57 -19.50
CA LYS A 12 -0.44 -6.28 -20.91
C LYS A 12 0.94 -5.67 -21.19
N ILE A 13 1.37 -4.74 -20.34
CA ILE A 13 2.67 -4.09 -20.48
C ILE A 13 3.76 -5.13 -20.74
N LEU A 14 3.75 -6.20 -19.94
CA LEU A 14 4.71 -7.28 -20.08
C LEU A 14 4.66 -7.86 -21.50
N ALA A 15 3.44 -8.11 -21.98
CA ALA A 15 3.21 -8.66 -23.31
C ALA A 15 3.72 -7.70 -24.38
N LEU A 16 3.66 -6.40 -24.09
CA LEU A 16 4.12 -5.37 -25.01
C LEU A 16 5.64 -5.48 -25.14
N MET A 17 6.31 -5.61 -24.00
CA MET A 17 7.77 -5.74 -23.96
C MET A 17 8.19 -7.13 -24.46
N GLY A 18 7.30 -8.11 -24.32
CA GLY A 18 7.59 -9.45 -24.76
C GLY A 18 7.93 -9.51 -26.24
N GLU A 19 7.07 -8.91 -27.07
CA GLU A 19 7.27 -8.88 -28.51
C GLU A 19 8.51 -8.07 -28.85
N PHE A 20 8.68 -6.94 -28.18
CA PHE A 20 9.82 -6.06 -28.40
C PHE A 20 11.14 -6.80 -28.21
N ARG A 21 11.29 -7.47 -27.07
CA ARG A 21 12.52 -8.22 -26.77
C ARG A 21 12.80 -9.31 -27.79
N ALA A 22 11.75 -9.94 -28.30
CA ALA A 22 11.90 -11.01 -29.27
C ALA A 22 12.32 -10.51 -30.65
N ASP A 23 12.25 -9.19 -30.86
CA ASP A 23 12.60 -8.59 -32.14
C ASP A 23 14.10 -8.64 -32.39
N PRO A 24 14.53 -9.33 -33.46
CA PRO A 24 15.94 -9.46 -33.82
C PRO A 24 16.51 -8.24 -34.55
N ARG A 25 15.75 -7.16 -34.61
CA ARG A 25 16.20 -5.96 -35.29
C ARG A 25 17.02 -5.07 -34.36
N GLN A 26 18.25 -4.82 -34.77
CA GLN A 26 19.21 -4.02 -34.02
C GLN A 26 18.75 -2.57 -33.86
N GLY A 27 17.97 -2.09 -34.82
CA GLY A 27 17.50 -0.72 -34.76
C GLY A 27 16.10 -0.55 -34.20
N LYS A 28 15.62 -1.50 -33.42
CA LYS A 28 14.29 -1.40 -32.83
C LYS A 28 14.22 -0.27 -31.81
N ILE A 29 13.11 0.47 -31.83
CA ILE A 29 12.91 1.60 -30.92
C ILE A 29 11.67 1.39 -30.06
N ASP A 30 11.76 1.72 -28.77
CA ASP A 30 10.63 1.54 -27.87
C ASP A 30 10.10 2.87 -27.35
N LEU A 31 8.91 3.25 -27.82
CA LEU A 31 8.26 4.48 -27.43
C LEU A 31 7.02 4.19 -26.59
N GLY A 32 6.85 2.92 -26.23
CA GLY A 32 5.71 2.51 -25.43
C GLY A 32 5.93 2.60 -23.93
N VAL A 33 7.18 2.80 -23.51
CA VAL A 33 7.49 2.91 -22.09
C VAL A 33 6.65 3.97 -21.41
N GLY A 34 6.33 3.75 -20.14
CA GLY A 34 5.51 4.69 -19.40
C GLY A 34 6.24 5.44 -18.30
N VAL A 35 7.56 5.42 -18.34
CA VAL A 35 8.34 6.12 -17.33
C VAL A 35 9.37 6.99 -18.05
N TYR A 36 10.02 7.87 -17.32
CA TYR A 36 11.02 8.73 -17.91
C TYR A 36 12.36 8.03 -18.09
N LYS A 37 12.95 8.18 -19.27
CA LYS A 37 14.24 7.59 -19.58
C LYS A 37 15.10 8.77 -19.97
N ASP A 38 16.38 8.76 -19.63
CA ASP A 38 17.25 9.87 -19.99
C ASP A 38 17.94 9.62 -21.33
N ALA A 39 18.96 10.43 -21.63
CA ALA A 39 19.71 10.32 -22.88
C ALA A 39 20.25 8.92 -23.12
N THR A 40 20.70 8.28 -22.04
CA THR A 40 21.27 6.94 -22.09
C THR A 40 20.25 5.83 -21.85
N GLY A 41 18.95 6.17 -21.96
CA GLY A 41 17.90 5.20 -21.76
C GLY A 41 17.79 4.65 -20.35
N HIS A 42 18.03 5.49 -19.37
CA HIS A 42 17.95 5.08 -17.96
C HIS A 42 16.98 5.98 -17.20
N THR A 43 16.41 5.42 -16.14
CA THR A 43 15.50 6.16 -15.26
C THR A 43 16.32 6.36 -13.98
N PRO A 44 17.10 7.45 -13.93
CA PRO A 44 17.94 7.76 -12.78
C PRO A 44 17.22 8.17 -11.51
N ILE A 45 17.96 8.11 -10.40
CA ILE A 45 17.44 8.52 -9.11
C ILE A 45 17.87 9.99 -9.06
N MET A 46 16.94 10.88 -8.73
CA MET A 46 17.29 12.29 -8.68
C MET A 46 18.32 12.57 -7.58
N ARG A 47 19.24 13.50 -7.85
CA ARG A 47 20.30 13.87 -6.90
C ARG A 47 19.78 14.20 -5.51
N ALA A 48 18.74 15.02 -5.46
CA ALA A 48 18.14 15.41 -4.18
C ALA A 48 17.57 14.20 -3.46
N VAL A 49 17.00 13.26 -4.23
CA VAL A 49 16.44 12.05 -3.67
C VAL A 49 17.54 11.18 -3.05
N HIS A 50 18.66 11.04 -3.76
CA HIS A 50 19.78 10.25 -3.24
C HIS A 50 20.37 10.93 -2.01
N ALA A 51 20.29 12.26 -1.97
CA ALA A 51 20.81 13.03 -0.84
C ALA A 51 19.93 12.86 0.40
N ALA A 52 18.61 12.83 0.17
CA ALA A 52 17.66 12.65 1.27
C ALA A 52 17.81 11.27 1.90
N GLU A 53 17.98 10.25 1.08
CA GLU A 53 18.16 8.88 1.58
C GLU A 53 19.42 8.74 2.44
N GLN A 54 20.45 9.51 2.12
CA GLN A 54 21.68 9.46 2.91
C GLN A 54 21.45 10.13 4.26
N ARG A 55 20.73 11.25 4.25
CA ARG A 55 20.42 11.96 5.48
C ARG A 55 19.52 11.12 6.38
N MET A 56 18.57 10.43 5.77
CA MET A 56 17.63 9.58 6.49
C MET A 56 18.35 8.42 7.12
N LEU A 57 19.33 7.86 6.40
CA LEU A 57 20.11 6.74 6.89
C LEU A 57 20.91 7.13 8.14
N GLU A 58 21.24 8.41 8.24
CA GLU A 58 22.01 8.94 9.36
C GLU A 58 21.22 9.46 10.54
N THR A 59 19.98 9.88 10.32
CA THR A 59 19.17 10.45 11.40
C THR A 59 18.02 9.63 11.96
N GLU A 60 17.56 8.62 11.23
CA GLU A 60 16.45 7.81 11.72
C GLU A 60 16.97 6.87 12.79
N THR A 61 16.35 6.92 13.97
CA THR A 61 16.77 6.09 15.10
C THR A 61 15.81 4.93 15.37
N THR A 62 14.65 4.96 14.72
CA THR A 62 13.64 3.93 14.89
C THR A 62 12.75 3.84 13.65
N LYS A 63 12.04 2.73 13.54
CA LYS A 63 11.11 2.48 12.44
C LYS A 63 9.77 2.06 13.03
N THR A 64 9.49 2.51 14.25
CA THR A 64 8.23 2.17 14.92
C THR A 64 7.08 2.65 14.08
N TYR A 65 5.87 2.21 14.40
CA TYR A 65 4.69 2.65 13.67
C TYR A 65 4.63 4.17 13.79
N ALA A 66 4.32 4.83 12.67
CA ALA A 66 4.21 6.27 12.64
C ALA A 66 2.76 6.70 12.44
N GLY A 67 2.53 7.78 11.71
CA GLY A 67 1.20 8.28 11.49
C GLY A 67 0.29 7.45 10.59
N LEU A 68 -0.94 7.22 11.03
CA LEU A 68 -1.92 6.45 10.29
C LEU A 68 -2.33 7.14 8.99
N SER A 69 -2.32 8.47 8.99
CA SER A 69 -2.68 9.25 7.80
C SER A 69 -1.45 9.86 7.16
N GLY A 70 -0.28 9.48 7.65
CA GLY A 70 0.97 10.02 7.14
C GLY A 70 1.57 10.98 8.16
N GLU A 71 2.79 11.43 7.89
CA GLU A 71 3.47 12.35 8.79
C GLU A 71 3.10 13.79 8.48
N PRO A 72 2.93 14.60 9.52
CA PRO A 72 2.58 16.03 9.38
C PRO A 72 3.49 16.78 8.40
N GLU A 73 4.79 16.50 8.46
CA GLU A 73 5.76 17.15 7.58
C GLU A 73 5.38 16.90 6.12
N PHE A 74 5.03 15.65 5.80
CA PHE A 74 4.66 15.27 4.45
C PHE A 74 3.33 15.87 4.01
N GLN A 75 2.30 15.71 4.85
CA GLN A 75 0.97 16.24 4.53
C GLN A 75 1.00 17.72 4.25
N LYS A 76 1.75 18.48 5.05
CA LYS A 76 1.85 19.93 4.86
C LYS A 76 2.70 20.31 3.66
N ALA A 77 3.87 19.69 3.54
CA ALA A 77 4.76 19.97 2.41
C ALA A 77 4.04 19.69 1.09
N MET A 78 3.30 18.59 1.03
CA MET A 78 2.55 18.23 -0.18
C MET A 78 1.43 19.22 -0.44
N GLY A 79 0.68 19.55 0.60
CA GLY A 79 -0.41 20.51 0.46
C GLY A 79 0.07 21.83 -0.11
N GLU A 80 1.26 22.27 0.32
CA GLU A 80 1.84 23.53 -0.16
C GLU A 80 2.36 23.41 -1.59
N LEU A 81 2.90 22.25 -1.93
CA LEU A 81 3.43 22.03 -3.27
C LEU A 81 2.30 22.09 -4.30
N ILE A 82 1.15 21.55 -3.94
CA ILE A 82 0.00 21.53 -4.84
C ILE A 82 -0.83 22.81 -4.86
N LEU A 83 -1.24 23.29 -3.68
CA LEU A 83 -2.08 24.49 -3.58
C LEU A 83 -1.38 25.80 -3.24
N GLY A 84 -0.06 25.75 -3.02
CA GLY A 84 0.70 26.94 -2.70
C GLY A 84 0.12 27.76 -1.56
N ASP A 85 0.10 29.07 -1.72
CA ASP A 85 -0.42 29.99 -0.71
C ASP A 85 -1.90 29.80 -0.44
N GLY A 86 -2.61 29.17 -1.38
CA GLY A 86 -4.04 28.97 -1.23
C GLY A 86 -4.47 27.82 -0.33
N LEU A 87 -3.53 27.22 0.39
CA LEU A 87 -3.83 26.10 1.27
C LEU A 87 -4.61 26.50 2.54
N LYS A 88 -5.88 26.09 2.60
CA LYS A 88 -6.73 26.37 3.76
C LYS A 88 -6.67 25.19 4.73
N SER A 89 -5.68 25.21 5.61
CA SER A 89 -5.49 24.13 6.58
C SER A 89 -6.74 23.72 7.36
N GLU A 90 -7.52 24.70 7.80
CA GLU A 90 -8.74 24.45 8.58
C GLU A 90 -9.77 23.59 7.86
N THR A 91 -9.76 23.63 6.53
CA THR A 91 -10.73 22.87 5.75
C THR A 91 -10.12 21.83 4.81
N THR A 92 -8.86 21.50 5.01
CA THR A 92 -8.18 20.53 4.16
C THR A 92 -7.82 19.25 4.90
N ALA A 93 -8.35 18.14 4.42
CA ALA A 93 -8.05 16.82 4.98
C ALA A 93 -6.95 16.24 4.09
N THR A 94 -5.99 15.54 4.69
CA THR A 94 -4.90 14.98 3.91
C THR A 94 -4.63 13.53 4.34
N LEU A 95 -4.27 12.69 3.36
CA LEU A 95 -4.00 11.28 3.63
C LEU A 95 -2.82 10.78 2.81
N ALA A 96 -1.82 10.22 3.48
CA ALA A 96 -0.67 9.68 2.77
C ALA A 96 -1.18 8.36 2.19
N THR A 97 -0.88 8.12 0.92
CA THR A 97 -1.34 6.92 0.26
C THR A 97 -0.22 6.13 -0.40
N VAL A 98 -0.56 4.93 -0.87
CA VAL A 98 0.38 4.07 -1.55
C VAL A 98 0.34 4.52 -3.01
N GLY A 99 1.16 5.52 -3.34
CA GLY A 99 1.19 6.05 -4.68
C GLY A 99 -0.07 6.82 -5.06
N GLY A 100 -0.05 7.40 -6.25
CA GLY A 100 -1.22 8.13 -6.74
C GLY A 100 -2.38 7.17 -6.93
N THR A 101 -2.12 5.96 -7.42
CA THR A 101 -3.18 4.97 -7.63
C THR A 101 -3.92 4.73 -6.31
N GLY A 102 -3.19 4.60 -5.22
CA GLY A 102 -3.81 4.40 -3.93
C GLY A 102 -4.66 5.60 -3.58
N ALA A 103 -4.19 6.79 -3.96
CA ALA A 103 -4.93 8.01 -3.70
C ALA A 103 -6.25 7.99 -4.44
N LEU A 104 -6.24 7.51 -5.68
CA LEU A 104 -7.45 7.43 -6.50
C LEU A 104 -8.45 6.42 -5.92
N ARG A 105 -7.94 5.23 -5.57
CA ARG A 105 -8.78 4.18 -5.00
C ARG A 105 -9.45 4.68 -3.72
N GLN A 106 -8.67 5.30 -2.84
CA GLN A 106 -9.20 5.82 -1.58
C GLN A 106 -10.22 6.93 -1.81
N ALA A 107 -9.95 7.82 -2.79
CA ALA A 107 -10.87 8.92 -3.11
C ALA A 107 -12.22 8.38 -3.58
N LEU A 108 -12.18 7.31 -4.37
CA LEU A 108 -13.38 6.65 -4.89
C LEU A 108 -14.15 5.99 -3.75
N GLU A 109 -13.42 5.40 -2.80
CA GLU A 109 -14.03 4.76 -1.63
C GLU A 109 -14.68 5.82 -0.73
N LEU A 110 -13.99 6.94 -0.54
CA LEU A 110 -14.47 8.04 0.29
C LEU A 110 -15.76 8.61 -0.27
N ALA A 111 -15.75 8.92 -1.57
CA ALA A 111 -16.92 9.46 -2.24
C ALA A 111 -18.11 8.51 -2.17
N ARG A 112 -17.85 7.22 -2.39
CA ARG A 112 -18.90 6.20 -2.35
C ARG A 112 -19.53 6.13 -0.95
N MET A 113 -18.72 6.31 0.09
CA MET A 113 -19.22 6.28 1.46
C MET A 113 -20.18 7.45 1.66
N ALA A 114 -19.81 8.62 1.13
CA ALA A 114 -20.62 9.83 1.24
C ALA A 114 -21.84 9.80 0.32
N ASN A 115 -21.74 9.05 -0.77
CA ASN A 115 -22.84 8.94 -1.73
C ASN A 115 -22.79 7.62 -2.47
N PRO A 116 -23.65 6.66 -2.07
CA PRO A 116 -23.73 5.33 -2.67
C PRO A 116 -24.10 5.35 -4.15
N ASP A 117 -24.97 6.28 -4.53
CA ASP A 117 -25.43 6.37 -5.92
C ASP A 117 -24.49 7.17 -6.84
N LEU A 118 -23.24 7.30 -6.41
CA LEU A 118 -22.21 8.02 -7.15
C LEU A 118 -21.95 7.46 -8.54
N ARG A 119 -21.77 8.36 -9.50
CA ARG A 119 -21.46 7.99 -10.89
C ARG A 119 -20.20 8.78 -11.21
N VAL A 120 -19.26 8.14 -11.91
CA VAL A 120 -18.01 8.81 -12.24
C VAL A 120 -17.93 9.12 -13.73
N PHE A 121 -17.52 10.34 -14.06
CA PHE A 121 -17.35 10.76 -15.44
C PHE A 121 -15.86 10.83 -15.69
N VAL A 122 -15.37 10.09 -16.69
CA VAL A 122 -13.95 10.08 -17.03
C VAL A 122 -13.81 10.61 -18.45
N SER A 123 -12.65 11.16 -18.77
CA SER A 123 -12.44 11.68 -20.11
C SER A 123 -12.32 10.58 -21.15
N ASP A 124 -12.56 10.97 -22.39
CA ASP A 124 -12.46 10.05 -23.51
C ASP A 124 -11.29 10.57 -24.35
N PRO A 125 -10.12 9.93 -24.26
CA PRO A 125 -9.78 8.77 -23.43
C PRO A 125 -9.10 9.17 -22.12
N THR A 126 -8.71 8.17 -21.33
CA THR A 126 -8.05 8.42 -20.07
C THR A 126 -7.15 7.23 -19.72
N TRP A 127 -6.43 7.36 -18.62
CA TRP A 127 -5.53 6.32 -18.12
C TRP A 127 -6.38 5.07 -17.88
N PRO A 128 -6.11 3.98 -18.61
CA PRO A 128 -6.82 2.70 -18.51
C PRO A 128 -7.11 2.25 -17.08
N ASN A 129 -6.13 2.42 -16.20
CA ASN A 129 -6.29 2.01 -14.82
C ASN A 129 -7.48 2.67 -14.13
N HIS A 130 -7.83 3.88 -14.57
CA HIS A 130 -8.97 4.60 -14.01
C HIS A 130 -10.23 3.75 -14.11
N VAL A 131 -10.51 3.31 -15.33
CA VAL A 131 -11.69 2.52 -15.62
C VAL A 131 -11.62 1.16 -14.92
N SER A 132 -10.45 0.53 -14.95
CA SER A 132 -10.28 -0.76 -14.30
C SER A 132 -10.70 -0.74 -12.85
N ILE A 133 -10.21 0.27 -12.12
CA ILE A 133 -10.51 0.41 -10.70
C ILE A 133 -12.00 0.58 -10.46
N MET A 134 -12.61 1.50 -11.21
CA MET A 134 -14.04 1.75 -11.08
C MET A 134 -14.84 0.50 -11.39
N ASN A 135 -14.47 -0.21 -12.46
CA ASN A 135 -15.16 -1.45 -12.84
C ASN A 135 -15.04 -2.45 -11.69
N PHE A 136 -13.86 -2.52 -11.10
CA PHE A 136 -13.62 -3.43 -9.98
C PHE A 136 -14.56 -3.09 -8.82
N MET A 137 -14.73 -1.81 -8.57
CA MET A 137 -15.61 -1.34 -7.49
C MET A 137 -17.09 -1.42 -7.87
N GLY A 138 -17.37 -1.61 -9.15
CA GLY A 138 -18.75 -1.70 -9.61
C GLY A 138 -19.45 -0.37 -9.67
N LEU A 139 -18.68 0.71 -9.71
CA LEU A 139 -19.21 2.06 -9.80
C LEU A 139 -19.64 2.36 -11.24
N PRO A 140 -20.76 3.08 -11.42
CA PRO A 140 -21.24 3.43 -12.76
C PRO A 140 -20.19 4.35 -13.40
N VAL A 141 -19.81 4.07 -14.63
CA VAL A 141 -18.82 4.91 -15.31
C VAL A 141 -19.41 5.58 -16.56
N GLN A 142 -19.22 6.89 -16.63
CA GLN A 142 -19.71 7.70 -17.73
C GLN A 142 -18.51 8.32 -18.41
N THR A 143 -18.64 8.60 -19.70
CA THR A 143 -17.56 9.18 -20.47
C THR A 143 -17.90 10.55 -21.08
N TYR A 144 -16.95 11.48 -21.02
CA TYR A 144 -17.15 12.80 -21.61
C TYR A 144 -16.10 13.00 -22.68
N ARG A 145 -16.53 13.54 -23.82
CA ARG A 145 -15.63 13.78 -24.94
C ARG A 145 -14.44 14.64 -24.52
N TYR A 146 -13.27 14.28 -25.02
CA TYR A 146 -12.09 15.03 -24.66
C TYR A 146 -11.10 15.17 -25.82
N PHE A 147 -10.59 14.07 -26.32
CA PHE A 147 -9.61 14.12 -27.39
C PHE A 147 -10.21 14.23 -28.78
N ASP A 148 -9.83 15.26 -29.50
CA ASP A 148 -10.30 15.43 -30.86
C ASP A 148 -9.25 14.77 -31.73
N ALA A 149 -9.57 13.58 -32.22
CA ALA A 149 -8.65 12.80 -33.07
C ALA A 149 -8.18 13.53 -34.32
N GLU A 150 -8.92 14.57 -34.71
CA GLU A 150 -8.59 15.34 -35.91
C GLU A 150 -7.48 16.35 -35.70
N THR A 151 -7.65 17.22 -34.71
CA THR A 151 -6.65 18.23 -34.43
C THR A 151 -5.65 17.75 -33.40
N ARG A 152 -5.95 16.62 -32.78
CA ARG A 152 -5.12 16.05 -31.73
C ARG A 152 -5.14 16.98 -30.52
N GLY A 153 -6.14 17.87 -30.50
CA GLY A 153 -6.30 18.83 -29.43
C GLY A 153 -7.54 18.44 -28.65
N VAL A 154 -7.98 19.32 -27.77
CA VAL A 154 -9.17 19.07 -26.94
C VAL A 154 -10.47 19.44 -27.64
N ASP A 155 -11.46 18.55 -27.58
CA ASP A 155 -12.78 18.80 -28.15
C ASP A 155 -13.56 19.43 -27.00
N PHE A 156 -13.22 20.68 -26.67
CA PHE A 156 -13.84 21.40 -25.55
C PHE A 156 -15.35 21.57 -25.56
N GLU A 157 -15.90 21.86 -26.74
CA GLU A 157 -17.34 22.02 -26.86
C GLU A 157 -18.02 20.71 -26.47
N GLY A 158 -17.47 19.60 -26.95
CA GLY A 158 -18.02 18.30 -26.65
C GLY A 158 -17.90 17.99 -25.17
N MET A 159 -16.79 18.40 -24.58
CA MET A 159 -16.52 18.18 -23.16
C MET A 159 -17.59 18.88 -22.31
N LYS A 160 -17.87 20.13 -22.65
CA LYS A 160 -18.87 20.92 -21.94
C LYS A 160 -20.27 20.34 -22.07
N ALA A 161 -20.65 19.98 -23.29
CA ALA A 161 -21.96 19.42 -23.56
C ALA A 161 -22.19 18.10 -22.80
N ASP A 162 -21.13 17.33 -22.60
CA ASP A 162 -21.23 16.05 -21.90
C ASP A 162 -21.22 16.19 -20.38
N LEU A 163 -20.37 17.06 -19.87
CA LEU A 163 -20.29 17.29 -18.43
C LEU A 163 -21.57 17.94 -17.93
N ALA A 164 -22.30 18.57 -18.84
CA ALA A 164 -23.56 19.22 -18.50
C ALA A 164 -24.59 18.22 -17.98
N ALA A 165 -24.47 16.96 -18.40
CA ALA A 165 -25.40 15.92 -17.96
C ALA A 165 -25.08 15.36 -16.57
N ALA A 166 -24.03 15.88 -15.93
CA ALA A 166 -23.66 15.41 -14.61
C ALA A 166 -24.64 15.99 -13.59
N LYS A 167 -25.09 15.16 -12.67
CA LYS A 167 -26.02 15.59 -11.64
C LYS A 167 -25.26 15.86 -10.34
N LYS A 168 -25.95 16.45 -9.38
CA LYS A 168 -25.37 16.74 -8.08
C LYS A 168 -24.95 15.40 -7.47
N GLY A 169 -23.75 15.34 -6.91
CA GLY A 169 -23.30 14.10 -6.31
C GLY A 169 -22.51 13.20 -7.24
N ASP A 170 -22.53 13.51 -8.54
CA ASP A 170 -21.76 12.73 -9.50
C ASP A 170 -20.32 13.18 -9.34
N MET A 171 -19.38 12.37 -9.78
CA MET A 171 -17.97 12.69 -9.69
C MET A 171 -17.41 12.90 -11.08
N VAL A 172 -16.65 13.97 -11.26
CA VAL A 172 -16.02 14.28 -12.55
C VAL A 172 -14.52 14.18 -12.37
N LEU A 173 -13.89 13.24 -13.07
CA LEU A 173 -12.44 13.04 -12.95
C LEU A 173 -11.68 13.80 -14.01
N LEU A 174 -10.85 14.74 -13.58
CA LEU A 174 -10.05 15.56 -14.47
C LEU A 174 -8.57 15.35 -14.21
N HIS A 175 -7.78 15.45 -15.27
CA HIS A 175 -6.33 15.33 -15.14
C HIS A 175 -5.88 16.77 -14.86
N GLY A 176 -5.18 16.99 -13.76
CA GLY A 176 -4.73 18.33 -13.42
C GLY A 176 -3.86 18.93 -14.50
N CYS A 177 -3.05 18.09 -15.15
CA CYS A 177 -2.17 18.54 -16.22
C CYS A 177 -1.59 17.34 -16.95
N CYS A 178 -0.86 17.60 -18.03
CA CYS A 178 -0.19 16.55 -18.83
C CYS A 178 -1.08 15.33 -18.97
N HIS A 179 -2.18 15.49 -19.70
CA HIS A 179 -3.14 14.42 -19.90
C HIS A 179 -2.51 13.14 -20.43
N ASN A 180 -2.67 12.07 -19.66
CA ASN A 180 -2.18 10.75 -20.01
C ASN A 180 -3.42 10.04 -20.54
N PRO A 181 -3.37 9.45 -21.75
CA PRO A 181 -2.27 9.35 -22.71
C PRO A 181 -2.11 10.43 -23.79
N THR A 182 -3.15 11.23 -24.01
CA THR A 182 -3.15 12.24 -25.08
C THR A 182 -2.07 13.33 -25.14
N GLY A 183 -1.85 14.01 -24.03
CA GLY A 183 -0.87 15.09 -24.02
C GLY A 183 -1.52 16.43 -24.30
N ALA A 184 -2.81 16.40 -24.66
CA ALA A 184 -3.59 17.60 -24.94
C ALA A 184 -4.14 18.11 -23.61
N ASN A 185 -4.01 19.40 -23.37
CA ASN A 185 -4.45 19.96 -22.10
C ASN A 185 -5.36 21.18 -22.18
N LEU A 186 -6.02 21.47 -21.07
CA LEU A 186 -6.93 22.60 -20.95
C LEU A 186 -6.14 23.86 -20.62
N THR A 187 -6.57 24.98 -21.18
CA THR A 187 -5.94 26.27 -20.91
C THR A 187 -6.65 26.81 -19.66
N LEU A 188 -6.03 27.77 -18.97
CA LEU A 188 -6.60 28.33 -17.76
C LEU A 188 -8.02 28.88 -17.97
N ASP A 189 -8.29 29.42 -19.16
CA ASP A 189 -9.62 29.94 -19.48
C ASP A 189 -10.66 28.82 -19.57
N GLN A 190 -10.23 27.66 -20.07
CA GLN A 190 -11.13 26.51 -20.19
C GLN A 190 -11.38 25.93 -18.81
N TRP A 191 -10.38 26.00 -17.94
CA TRP A 191 -10.52 25.53 -16.56
C TRP A 191 -11.57 26.37 -15.84
N ALA A 192 -11.65 27.65 -16.22
CA ALA A 192 -12.60 28.58 -15.64
C ALA A 192 -14.02 28.19 -16.03
N GLU A 193 -14.24 27.90 -17.31
CA GLU A 193 -15.57 27.50 -17.77
C GLU A 193 -15.96 26.17 -17.13
N ILE A 194 -15.03 25.22 -17.08
CA ILE A 194 -15.28 23.93 -16.47
C ILE A 194 -15.76 24.14 -15.03
N ALA A 195 -15.07 25.01 -14.30
CA ALA A 195 -15.43 25.30 -12.91
C ALA A 195 -16.88 25.77 -12.83
N SER A 196 -17.29 26.61 -13.78
CA SER A 196 -18.65 27.13 -13.83
C SER A 196 -19.64 25.99 -13.98
N ILE A 197 -19.31 25.04 -14.86
CA ILE A 197 -20.18 23.89 -15.11
C ILE A 197 -20.32 23.05 -13.85
N LEU A 198 -19.20 22.85 -13.14
CA LEU A 198 -19.20 22.07 -11.91
C LEU A 198 -20.03 22.74 -10.82
N GLU A 199 -19.92 24.06 -10.70
CA GLU A 199 -20.68 24.80 -9.70
C GLU A 199 -22.16 24.60 -9.99
N LYS A 200 -22.52 24.77 -11.26
CA LYS A 200 -23.87 24.63 -11.76
C LYS A 200 -24.46 23.24 -11.54
N THR A 201 -23.72 22.20 -11.90
CA THR A 201 -24.19 20.82 -11.75
C THR A 201 -24.08 20.24 -10.34
N GLY A 202 -23.19 20.80 -9.53
CA GLY A 202 -23.04 20.28 -8.18
C GLY A 202 -22.24 18.99 -8.18
N ALA A 203 -21.49 18.75 -9.25
CA ALA A 203 -20.66 17.55 -9.34
C ALA A 203 -19.38 17.78 -8.56
N LEU A 204 -18.85 16.70 -7.98
CA LEU A 204 -17.64 16.74 -7.19
C LEU A 204 -16.43 16.46 -8.09
N PRO A 205 -15.49 17.41 -8.16
CA PRO A 205 -14.32 17.21 -9.02
C PRO A 205 -13.22 16.38 -8.36
N LEU A 206 -12.73 15.36 -9.07
CA LEU A 206 -11.64 14.53 -8.59
C LEU A 206 -10.48 14.83 -9.54
N ILE A 207 -9.47 15.51 -9.02
CA ILE A 207 -8.32 15.87 -9.82
C ILE A 207 -7.16 14.89 -9.64
N ASP A 208 -6.75 14.29 -10.75
CA ASP A 208 -5.64 13.34 -10.78
C ASP A 208 -4.41 14.17 -11.14
N LEU A 209 -3.54 14.43 -10.16
CA LEU A 209 -2.32 15.20 -10.38
C LEU A 209 -1.09 14.29 -10.25
N ALA A 210 -0.62 13.75 -11.37
CA ALA A 210 0.52 12.85 -11.34
C ALA A 210 1.81 13.37 -11.99
N TYR A 211 1.71 14.43 -12.79
CA TYR A 211 2.88 14.95 -13.48
C TYR A 211 3.19 16.42 -13.21
N GLN A 212 3.00 16.87 -11.97
CA GLN A 212 3.28 18.26 -11.65
C GLN A 212 4.76 18.53 -11.82
N GLY A 213 5.09 19.41 -12.76
CA GLY A 213 6.48 19.75 -13.03
C GLY A 213 6.95 19.31 -14.39
N PHE A 214 6.18 18.45 -15.06
CA PHE A 214 6.55 17.94 -16.39
C PHE A 214 5.93 18.74 -17.54
N GLY A 215 4.94 19.55 -17.22
CA GLY A 215 4.28 20.35 -18.23
C GLY A 215 5.01 21.64 -18.52
N ASP A 216 4.48 22.73 -17.98
CA ASP A 216 5.07 24.06 -18.16
C ASP A 216 5.88 24.50 -16.94
N GLY A 217 5.77 23.75 -15.85
CA GLY A 217 6.50 24.07 -14.64
C GLY A 217 5.69 23.69 -13.42
N LEU A 218 6.34 23.63 -12.26
CA LEU A 218 5.68 23.26 -11.00
C LEU A 218 4.44 24.09 -10.66
N GLU A 219 4.59 25.40 -10.72
CA GLU A 219 3.48 26.30 -10.42
C GLU A 219 2.46 26.32 -11.55
N GLU A 220 2.98 26.36 -12.77
CA GLU A 220 2.15 26.40 -13.97
C GLU A 220 1.23 25.19 -14.07
N ASP A 221 1.75 24.01 -13.76
CA ASP A 221 0.98 22.78 -13.84
C ASP A 221 -0.14 22.65 -12.81
N ALA A 222 -0.05 23.44 -11.74
CA ALA A 222 -1.06 23.41 -10.69
C ALA A 222 -2.12 24.50 -10.85
N ALA A 223 -1.92 25.39 -11.83
CA ALA A 223 -2.83 26.50 -12.08
C ALA A 223 -4.31 26.08 -12.13
N GLY A 224 -4.62 25.09 -12.96
CA GLY A 224 -5.99 24.62 -13.10
C GLY A 224 -6.53 24.06 -11.79
N THR A 225 -5.71 23.27 -11.12
CA THR A 225 -6.10 22.67 -9.85
C THR A 225 -6.44 23.78 -8.84
N ARG A 226 -5.59 24.80 -8.80
CA ARG A 226 -5.77 25.92 -7.87
C ARG A 226 -7.00 26.74 -8.21
N LEU A 227 -7.35 26.82 -9.48
CA LEU A 227 -8.52 27.58 -9.89
C LEU A 227 -9.75 26.81 -9.44
N ILE A 228 -9.72 25.49 -9.61
CA ILE A 228 -10.83 24.65 -9.20
C ILE A 228 -10.99 24.74 -7.68
N ALA A 229 -9.87 24.64 -6.96
CA ALA A 229 -9.85 24.68 -5.50
C ALA A 229 -10.46 25.93 -4.90
N SER A 230 -10.30 27.06 -5.60
CA SER A 230 -10.83 28.32 -5.11
C SER A 230 -12.30 28.59 -5.45
N ARG A 231 -12.76 28.07 -6.58
CA ARG A 231 -14.15 28.27 -7.02
C ARG A 231 -15.10 27.24 -6.39
N ILE A 232 -14.65 25.99 -6.32
CA ILE A 232 -15.46 24.90 -5.81
C ILE A 232 -15.13 24.60 -4.34
N PRO A 233 -16.17 24.46 -3.49
CA PRO A 233 -16.03 24.18 -2.05
C PRO A 233 -15.50 22.79 -1.69
N GLU A 234 -15.95 21.75 -2.40
CA GLU A 234 -15.47 20.39 -2.16
C GLU A 234 -14.68 19.92 -3.36
N VAL A 235 -13.44 19.48 -3.13
CA VAL A 235 -12.57 19.01 -4.21
C VAL A 235 -11.71 17.87 -3.67
N LEU A 236 -11.47 16.86 -4.51
CA LEU A 236 -10.63 15.73 -4.14
C LEU A 236 -9.43 15.73 -5.07
N ILE A 237 -8.22 15.65 -4.52
CA ILE A 237 -7.00 15.67 -5.33
C ILE A 237 -6.09 14.49 -5.02
N ALA A 238 -5.83 13.64 -6.02
CA ALA A 238 -4.96 12.48 -5.84
C ALA A 238 -3.58 12.77 -6.45
N ALA A 239 -2.64 13.18 -5.62
CA ALA A 239 -1.31 13.51 -6.07
C ALA A 239 -0.36 12.33 -6.06
N SER A 240 0.60 12.35 -6.98
CA SER A 240 1.60 11.29 -7.11
C SER A 240 3.00 11.89 -7.05
N CYS A 241 3.93 11.15 -6.45
CA CYS A 241 5.32 11.57 -6.34
C CYS A 241 6.21 10.64 -7.16
N SER A 242 5.62 9.62 -7.78
CA SER A 242 6.35 8.65 -8.58
C SER A 242 7.25 9.27 -9.64
N LYS A 243 6.64 10.06 -10.53
CA LYS A 243 7.36 10.67 -11.64
C LYS A 243 8.13 11.93 -11.29
N ASN A 244 7.46 12.94 -10.73
CA ASN A 244 8.12 14.20 -10.42
C ASN A 244 9.22 14.14 -9.36
N PHE A 245 9.31 13.00 -8.66
CA PHE A 245 10.38 12.78 -7.67
C PHE A 245 11.22 11.56 -8.08
N GLY A 246 10.78 10.86 -9.12
CA GLY A 246 11.51 9.69 -9.58
C GLY A 246 11.59 8.57 -8.57
N ILE A 247 10.56 8.45 -7.74
CA ILE A 247 10.50 7.41 -6.73
C ILE A 247 9.30 6.49 -7.01
N TYR A 248 9.22 6.03 -8.25
CA TYR A 248 8.15 5.15 -8.73
C TYR A 248 7.86 3.97 -7.81
N ARG A 249 8.87 3.14 -7.54
CA ARG A 249 8.73 1.96 -6.71
C ARG A 249 8.49 2.17 -5.21
N GLU A 250 8.79 3.36 -4.71
CA GLU A 250 8.59 3.64 -3.30
C GLU A 250 7.10 3.74 -2.93
N ARG A 251 6.27 3.98 -3.93
CA ARG A 251 4.82 4.09 -3.76
C ARG A 251 4.46 5.25 -2.82
N THR A 252 4.61 6.47 -3.33
CA THR A 252 4.35 7.68 -2.55
C THR A 252 3.31 8.60 -3.18
N GLY A 253 2.18 8.73 -2.50
CA GLY A 253 1.12 9.57 -2.99
C GLY A 253 0.42 10.29 -1.86
N CYS A 254 -0.56 11.12 -2.22
CA CYS A 254 -1.27 11.91 -1.25
C CYS A 254 -2.69 12.23 -1.72
N LEU A 255 -3.67 12.13 -0.82
CA LEU A 255 -5.06 12.42 -1.13
C LEU A 255 -5.45 13.64 -0.35
N LEU A 256 -5.84 14.69 -1.04
CA LEU A 256 -6.28 15.90 -0.39
C LEU A 256 -7.77 16.09 -0.57
N ALA A 257 -8.48 16.26 0.52
CA ALA A 257 -9.92 16.47 0.49
C ALA A 257 -10.22 17.89 0.97
N LEU A 258 -10.55 18.77 0.03
CA LEU A 258 -10.87 20.17 0.35
C LEU A 258 -12.36 20.23 0.68
N CYS A 259 -12.66 20.66 1.89
CA CYS A 259 -14.05 20.73 2.36
C CYS A 259 -14.62 22.14 2.51
N ALA A 260 -15.92 22.21 2.77
CA ALA A 260 -16.63 23.47 2.93
C ALA A 260 -16.44 24.09 4.31
N ASP A 261 -16.16 23.25 5.31
CA ASP A 261 -15.96 23.73 6.68
C ASP A 261 -15.20 22.76 7.56
N ALA A 262 -14.71 23.26 8.69
CA ALA A 262 -13.94 22.48 9.66
C ALA A 262 -14.66 21.22 10.16
N ALA A 263 -15.95 21.34 10.41
CA ALA A 263 -16.74 20.20 10.89
C ALA A 263 -16.65 19.07 9.88
N THR A 264 -16.80 19.41 8.60
CA THR A 264 -16.74 18.45 7.51
C THR A 264 -15.32 17.90 7.33
N ARG A 265 -14.32 18.78 7.49
CA ARG A 265 -12.93 18.37 7.35
C ARG A 265 -12.60 17.25 8.34
N GLU A 266 -12.98 17.46 9.60
CA GLU A 266 -12.73 16.47 10.64
C GLU A 266 -13.46 15.16 10.29
N LEU A 267 -14.63 15.29 9.69
CA LEU A 267 -15.44 14.14 9.29
C LEU A 267 -14.75 13.37 8.16
N ALA A 268 -14.18 14.10 7.21
CA ALA A 268 -13.48 13.49 6.08
C ALA A 268 -12.16 12.88 6.53
N GLN A 269 -11.40 13.63 7.32
CA GLN A 269 -10.12 13.18 7.83
C GLN A 269 -10.30 11.87 8.61
N GLY A 270 -11.37 11.79 9.41
CA GLY A 270 -11.65 10.59 10.17
C GLY A 270 -11.92 9.43 9.25
N ALA A 271 -12.75 9.65 8.23
CA ALA A 271 -13.10 8.61 7.26
C ALA A 271 -11.89 8.16 6.46
N MET A 272 -10.98 9.09 6.18
CA MET A 272 -9.77 8.79 5.42
C MET A 272 -8.84 7.90 6.25
N ALA A 273 -8.66 8.23 7.53
CA ALA A 273 -7.80 7.44 8.39
C ALA A 273 -8.40 6.04 8.56
N PHE A 274 -9.72 5.97 8.63
CA PHE A 274 -10.44 4.71 8.76
C PHE A 274 -10.18 3.84 7.53
N LEU A 275 -10.13 4.48 6.36
CA LEU A 275 -9.89 3.81 5.08
C LEU A 275 -8.48 3.18 5.03
N ASN A 276 -7.46 3.92 5.43
CA ASN A 276 -6.09 3.39 5.45
C ASN A 276 -6.03 2.17 6.36
N ARG A 277 -6.49 2.37 7.60
CA ARG A 277 -6.51 1.34 8.64
C ARG A 277 -7.19 0.04 8.19
N GLN A 278 -8.30 0.17 7.47
CA GLN A 278 -9.05 -0.99 7.00
C GLN A 278 -8.47 -1.67 5.76
N THR A 279 -7.49 -1.04 5.12
CA THR A 279 -6.89 -1.62 3.93
C THR A 279 -5.50 -2.17 4.21
N TYR A 280 -4.69 -1.43 4.95
CA TYR A 280 -3.33 -1.86 5.26
C TYR A 280 -2.74 -1.17 6.48
N SER A 281 -3.61 -0.60 7.32
CA SER A 281 -3.17 0.10 8.52
C SER A 281 -2.39 1.38 8.20
N PHE A 282 -1.07 1.33 8.29
CA PHE A 282 -0.23 2.50 8.06
C PHE A 282 0.30 2.54 6.65
N PRO A 283 0.50 3.75 6.11
CA PRO A 283 1.03 3.88 4.74
C PRO A 283 2.57 3.82 4.73
N PRO A 284 3.16 3.49 3.57
CA PRO A 284 4.61 3.39 3.39
C PRO A 284 5.30 4.69 3.83
N PHE A 285 6.32 4.57 4.67
CA PHE A 285 7.04 5.73 5.18
C PHE A 285 8.19 6.26 4.32
N HIS A 286 9.09 5.37 3.93
CA HIS A 286 10.29 5.75 3.18
C HIS A 286 10.13 6.80 2.07
N GLY A 287 9.29 6.53 1.09
CA GLY A 287 9.11 7.46 -0.01
C GLY A 287 8.60 8.81 0.46
N ALA A 288 7.66 8.80 1.39
CA ALA A 288 7.09 10.03 1.92
C ALA A 288 8.12 10.83 2.70
N LYS A 289 9.00 10.14 3.42
CA LYS A 289 10.02 10.82 4.18
C LYS A 289 11.06 11.43 3.26
N ILE A 290 11.30 10.81 2.10
CA ILE A 290 12.27 11.36 1.16
C ILE A 290 11.71 12.70 0.68
N VAL A 291 10.43 12.68 0.31
CA VAL A 291 9.74 13.86 -0.18
C VAL A 291 9.70 15.02 0.82
N SER A 292 9.26 14.76 2.03
CA SER A 292 9.19 15.81 3.04
C SER A 292 10.58 16.37 3.31
N THR A 293 11.60 15.53 3.20
CA THR A 293 12.98 15.95 3.41
C THR A 293 13.41 16.92 2.31
N VAL A 294 13.16 16.56 1.06
CA VAL A 294 13.52 17.39 -0.08
C VAL A 294 12.82 18.76 -0.03
N LEU A 295 11.53 18.72 0.23
CA LEU A 295 10.71 19.92 0.29
C LEU A 295 11.03 20.87 1.45
N THR A 296 11.52 20.31 2.56
CA THR A 296 11.84 21.13 3.73
C THR A 296 13.30 21.58 3.82
N THR A 297 14.20 20.83 3.19
CA THR A 297 15.61 21.17 3.20
C THR A 297 15.89 22.07 1.98
N PRO A 298 16.00 23.39 2.21
CA PRO A 298 16.25 24.40 1.18
C PRO A 298 17.25 24.01 0.10
N GLU A 299 18.35 23.39 0.51
CA GLU A 299 19.40 22.98 -0.43
C GLU A 299 18.89 21.93 -1.40
N LEU A 300 18.28 20.88 -0.85
CA LEU A 300 17.75 19.77 -1.66
C LEU A 300 16.61 20.23 -2.57
N ARG A 301 15.68 21.00 -2.01
CA ARG A 301 14.53 21.51 -2.75
C ARG A 301 14.95 22.28 -3.99
N ALA A 302 15.98 23.11 -3.82
CA ALA A 302 16.52 23.93 -4.91
C ALA A 302 17.09 23.04 -5.99
N ASP A 303 17.84 22.03 -5.58
CA ASP A 303 18.46 21.10 -6.53
C ASP A 303 17.41 20.24 -7.25
N TRP A 304 16.40 19.80 -6.51
CA TRP A 304 15.34 18.99 -7.09
C TRP A 304 14.61 19.82 -8.15
N MET A 305 14.21 21.04 -7.78
CA MET A 305 13.52 21.94 -8.69
C MET A 305 14.34 22.16 -9.96
N ALA A 306 15.66 22.23 -9.81
CA ALA A 306 16.55 22.43 -10.95
C ALA A 306 16.66 21.19 -11.84
N GLU A 307 16.72 20.01 -11.23
CA GLU A 307 16.81 18.78 -12.00
C GLU A 307 15.49 18.51 -12.73
N LEU A 308 14.37 18.79 -12.07
CA LEU A 308 13.08 18.59 -12.68
C LEU A 308 12.95 19.53 -13.89
N GLU A 309 13.28 20.80 -13.68
CA GLU A 309 13.18 21.78 -14.76
C GLU A 309 14.04 21.42 -15.97
N ALA A 310 15.21 20.84 -15.72
CA ALA A 310 16.10 20.42 -16.80
C ALA A 310 15.42 19.28 -17.56
N VAL A 311 14.76 18.39 -16.83
CA VAL A 311 14.06 17.27 -17.43
C VAL A 311 12.90 17.79 -18.29
N ARG A 312 12.15 18.73 -17.74
CA ARG A 312 11.02 19.33 -18.42
C ARG A 312 11.48 20.02 -19.70
N SER A 313 12.50 20.87 -19.59
CA SER A 313 13.08 21.61 -20.72
C SER A 313 13.59 20.63 -21.77
N GLY A 314 14.22 19.55 -21.32
CA GLY A 314 14.74 18.55 -22.21
C GLY A 314 13.65 17.98 -23.10
N MET A 315 12.56 17.54 -22.47
CA MET A 315 11.44 16.96 -23.21
C MET A 315 10.83 17.94 -24.20
N LEU A 316 10.71 19.19 -23.78
CA LEU A 316 10.16 20.24 -24.63
C LEU A 316 11.01 20.45 -25.89
N ARG A 317 12.33 20.49 -25.72
CA ARG A 317 13.22 20.67 -26.87
C ARG A 317 13.02 19.51 -27.86
N LEU A 318 12.80 18.31 -27.34
CA LEU A 318 12.58 17.12 -28.17
C LEU A 318 11.29 17.29 -28.97
N ARG A 319 10.24 17.80 -28.33
CA ARG A 319 8.96 18.02 -29.01
C ARG A 319 9.15 18.97 -30.18
N GLU A 320 9.90 20.05 -29.95
CA GLU A 320 10.18 21.05 -30.98
C GLU A 320 10.95 20.42 -32.15
N GLN A 321 11.96 19.62 -31.84
CA GLN A 321 12.76 18.96 -32.87
C GLN A 321 11.88 18.05 -33.72
N LEU A 322 11.14 17.16 -33.06
CA LEU A 322 10.25 16.22 -33.76
C LEU A 322 9.28 16.97 -34.66
N ALA A 323 8.63 17.99 -34.12
CA ALA A 323 7.68 18.79 -34.87
C ALA A 323 8.35 19.52 -36.04
N GLY A 324 9.55 20.02 -35.82
CA GLY A 324 10.28 20.73 -36.84
C GLY A 324 10.65 19.78 -37.96
N GLU A 325 11.07 18.58 -37.58
CA GLU A 325 11.44 17.55 -38.54
C GLU A 325 10.20 17.19 -39.35
N LEU A 326 9.09 16.94 -38.64
CA LEU A 326 7.84 16.58 -39.27
C LEU A 326 7.35 17.65 -40.24
N ARG A 327 7.61 18.91 -39.92
CA ARG A 327 7.19 20.02 -40.77
C ARG A 327 7.97 20.01 -42.08
N ASP A 328 9.27 19.76 -42.00
CA ASP A 328 10.12 19.72 -43.18
C ASP A 328 9.72 18.58 -44.11
N LEU A 329 9.48 17.41 -43.54
CA LEU A 329 9.09 16.25 -44.33
C LEU A 329 7.68 16.34 -44.93
N SER A 330 6.73 16.85 -44.15
CA SER A 330 5.36 16.97 -44.62
C SER A 330 5.17 18.17 -45.51
N GLY A 331 5.99 19.20 -45.31
CA GLY A 331 5.86 20.41 -46.08
C GLY A 331 4.60 21.12 -45.60
N SER A 332 4.19 20.79 -44.38
CA SER A 332 3.00 21.38 -43.78
C SER A 332 3.16 21.48 -42.28
N ASP A 333 2.14 22.04 -41.63
CA ASP A 333 2.13 22.21 -40.18
C ASP A 333 1.06 21.35 -39.53
N ARG A 334 0.71 20.23 -40.17
CA ARG A 334 -0.30 19.34 -39.62
C ARG A 334 0.07 18.81 -38.23
N PHE A 335 1.35 18.44 -38.08
CA PHE A 335 1.87 17.88 -36.83
C PHE A 335 2.35 18.91 -35.80
N GLY A 336 1.89 20.16 -35.93
CA GLY A 336 2.29 21.19 -35.01
C GLY A 336 1.82 20.93 -33.58
N PHE A 337 0.81 20.08 -33.43
CA PHE A 337 0.27 19.74 -32.12
C PHE A 337 1.33 19.10 -31.22
N VAL A 338 2.29 18.38 -31.81
CA VAL A 338 3.34 17.71 -31.05
C VAL A 338 4.09 18.68 -30.13
N ALA A 339 4.33 19.90 -30.62
CA ALA A 339 5.03 20.91 -29.84
C ALA A 339 4.08 21.67 -28.93
N GLU A 340 2.78 21.46 -29.12
CA GLU A 340 1.76 22.11 -28.30
C GLU A 340 1.40 21.22 -27.13
N HIS A 341 1.45 19.91 -27.35
CA HIS A 341 1.14 18.94 -26.30
C HIS A 341 2.12 19.15 -25.15
N ARG A 342 1.65 18.89 -23.93
CA ARG A 342 2.50 19.03 -22.76
C ARG A 342 2.42 17.74 -21.99
N GLY A 343 3.56 17.31 -21.46
CA GLY A 343 3.59 16.09 -20.70
C GLY A 343 4.70 15.21 -21.21
N MET A 344 4.58 13.92 -20.93
CA MET A 344 5.59 12.95 -21.32
C MET A 344 5.07 12.11 -22.48
N PHE A 345 3.75 12.07 -22.60
CA PHE A 345 3.11 11.28 -23.64
C PHE A 345 2.41 12.16 -24.65
N SER A 346 2.07 11.56 -25.79
CA SER A 346 1.37 12.23 -26.86
C SER A 346 0.71 11.17 -27.72
N ARG A 347 -0.53 11.41 -28.12
CA ARG A 347 -1.21 10.47 -29.01
C ARG A 347 -1.03 11.06 -30.39
N LEU A 348 -0.39 10.31 -31.27
CA LEU A 348 -0.16 10.78 -32.63
C LEU A 348 -1.46 10.85 -33.41
N GLY A 349 -2.38 9.96 -33.09
CA GLY A 349 -3.65 9.94 -33.78
C GLY A 349 -3.60 8.94 -34.92
N ALA A 350 -2.71 7.95 -34.80
CA ALA A 350 -2.57 6.92 -35.82
C ALA A 350 -3.54 5.81 -35.45
N THR A 351 -4.03 5.09 -36.45
CA THR A 351 -4.96 3.99 -36.22
C THR A 351 -4.17 2.73 -35.90
N PRO A 352 -4.81 1.72 -35.29
CA PRO A 352 -4.12 0.48 -34.95
C PRO A 352 -3.39 -0.08 -36.18
N GLU A 353 -4.09 -0.03 -37.31
CA GLU A 353 -3.58 -0.51 -38.59
C GLU A 353 -2.26 0.22 -38.94
N GLN A 354 -2.24 1.54 -38.77
CA GLN A 354 -1.05 2.35 -39.06
C GLN A 354 0.06 2.10 -38.04
N VAL A 355 -0.35 1.85 -36.79
CA VAL A 355 0.58 1.57 -35.71
C VAL A 355 1.31 0.26 -36.00
N LYS A 356 0.57 -0.71 -36.51
CA LYS A 356 1.12 -2.01 -36.85
C LYS A 356 2.11 -1.88 -38.02
N ARG A 357 1.77 -1.08 -39.01
CA ARG A 357 2.63 -0.85 -40.17
C ARG A 357 3.96 -0.22 -39.75
N ILE A 358 3.90 0.68 -38.78
CA ILE A 358 5.10 1.35 -38.27
C ILE A 358 6.01 0.32 -37.60
N LYS A 359 5.44 -0.56 -36.78
CA LYS A 359 6.22 -1.59 -36.10
C LYS A 359 6.90 -2.50 -37.11
N GLU A 360 6.10 -3.12 -37.98
CA GLU A 360 6.60 -4.04 -39.00
C GLU A 360 7.61 -3.43 -39.96
N GLU A 361 7.29 -2.28 -40.51
CA GLU A 361 8.18 -1.61 -41.47
C GLU A 361 9.35 -0.84 -40.87
N PHE A 362 9.12 -0.11 -39.80
CA PHE A 362 10.18 0.70 -39.22
C PHE A 362 10.77 0.24 -37.89
N GLY A 363 10.18 -0.81 -37.32
CA GLY A 363 10.69 -1.34 -36.06
C GLY A 363 10.49 -0.41 -34.88
N ILE A 364 9.54 0.50 -35.00
CA ILE A 364 9.26 1.44 -33.92
C ILE A 364 8.02 0.95 -33.17
N TYR A 365 8.18 0.70 -31.87
CA TYR A 365 7.08 0.22 -31.04
C TYR A 365 6.46 1.33 -30.20
N MET A 366 5.13 1.27 -30.07
CA MET A 366 4.36 2.25 -29.29
C MET A 366 3.08 1.56 -28.83
N VAL A 367 2.32 2.22 -27.96
CA VAL A 367 1.06 1.65 -27.48
C VAL A 367 0.09 1.62 -28.65
N GLY A 368 -0.77 0.61 -28.68
CA GLY A 368 -1.74 0.45 -29.75
C GLY A 368 -2.63 1.63 -30.10
N ASP A 369 -2.77 2.56 -29.16
CA ASP A 369 -3.57 3.77 -29.36
C ASP A 369 -2.73 4.91 -29.94
N SER A 370 -1.49 4.59 -30.28
CA SER A 370 -0.49 5.52 -30.83
C SER A 370 0.09 6.50 -29.82
N ARG A 371 0.13 6.09 -28.56
CA ARG A 371 0.69 6.93 -27.50
C ARG A 371 2.20 6.73 -27.49
N ILE A 372 2.94 7.83 -27.60
CA ILE A 372 4.40 7.77 -27.60
C ILE A 372 4.95 8.46 -26.37
N ASN A 373 6.14 8.04 -25.96
CA ASN A 373 6.82 8.64 -24.82
C ASN A 373 7.91 9.54 -25.39
N ILE A 374 7.75 10.84 -25.23
CA ILE A 374 8.71 11.81 -25.75
C ILE A 374 10.12 11.55 -25.22
N ALA A 375 10.20 11.06 -23.99
CA ALA A 375 11.48 10.77 -23.36
C ALA A 375 12.30 9.71 -24.07
N GLY A 376 11.63 8.87 -24.86
CA GLY A 376 12.34 7.81 -25.57
C GLY A 376 12.97 8.25 -26.88
N LEU A 377 12.76 9.50 -27.26
CA LEU A 377 13.30 10.04 -28.50
C LEU A 377 14.61 10.80 -28.26
N ASN A 378 15.43 10.89 -29.30
CA ASN A 378 16.70 11.60 -29.24
C ASN A 378 17.08 11.97 -30.66
N ASP A 379 18.16 12.72 -30.80
CA ASP A 379 18.64 13.17 -32.10
C ASP A 379 18.81 12.08 -33.17
N ASN A 380 18.96 10.84 -32.73
CA ASN A 380 19.12 9.74 -33.67
C ASN A 380 17.80 9.08 -34.04
N THR A 381 16.88 9.02 -33.08
CA THR A 381 15.59 8.39 -33.33
C THR A 381 14.49 9.28 -33.92
N ILE A 382 14.58 10.58 -33.71
CA ILE A 382 13.60 11.53 -34.23
C ILE A 382 13.40 11.48 -35.76
N PRO A 383 14.50 11.50 -36.55
CA PRO A 383 14.37 11.45 -38.01
C PRO A 383 13.66 10.18 -38.47
N ILE A 384 13.94 9.08 -37.77
CA ILE A 384 13.35 7.79 -38.06
C ILE A 384 11.85 7.79 -37.76
N LEU A 385 11.47 8.35 -36.62
CA LEU A 385 10.05 8.41 -36.23
C LEU A 385 9.30 9.34 -37.19
N ALA A 386 9.93 10.45 -37.55
CA ALA A 386 9.35 11.43 -38.47
C ALA A 386 9.01 10.79 -39.80
N ARG A 387 9.99 10.12 -40.39
CA ARG A 387 9.80 9.45 -41.67
C ARG A 387 8.75 8.33 -41.58
N ALA A 388 8.81 7.53 -40.52
CA ALA A 388 7.86 6.43 -40.31
C ALA A 388 6.42 6.94 -40.35
N ILE A 389 6.16 8.03 -39.61
CA ILE A 389 4.82 8.63 -39.53
C ILE A 389 4.32 9.06 -40.92
N ILE A 390 5.16 9.79 -41.64
CA ILE A 390 4.82 10.29 -42.96
C ILE A 390 4.58 9.15 -43.96
N GLU A 391 5.48 8.18 -43.99
CA GLU A 391 5.38 7.07 -44.92
C GLU A 391 4.11 6.24 -44.77
N VAL A 392 3.64 6.07 -43.54
CA VAL A 392 2.42 5.30 -43.30
C VAL A 392 1.15 6.16 -43.46
N GLY A 393 1.34 7.45 -43.67
CA GLY A 393 0.23 8.35 -43.88
C GLY A 393 -0.63 8.70 -42.69
N VAL A 394 0.00 9.04 -41.59
CA VAL A 394 -0.72 9.44 -40.39
C VAL A 394 -1.17 10.88 -40.61
N MET B 1 -21.32 17.05 -0.44
CA MET B 1 -21.38 15.57 -0.49
C MET B 1 -20.67 14.94 0.71
N LEU B 2 -19.42 15.32 0.93
CA LEU B 2 -18.63 14.78 2.04
C LEU B 2 -19.26 14.98 3.42
N GLY B 3 -20.19 15.91 3.52
CA GLY B 3 -20.86 16.17 4.79
C GLY B 3 -21.72 15.00 5.23
N ASN B 4 -22.03 14.10 4.30
CA ASN B 4 -22.86 12.93 4.61
C ASN B 4 -22.06 11.87 5.35
N LEU B 5 -20.74 12.04 5.39
CA LEU B 5 -19.87 11.07 6.07
C LEU B 5 -20.25 10.84 7.54
N LYS B 6 -20.22 9.59 7.95
CA LYS B 6 -20.54 9.21 9.32
C LYS B 6 -19.23 9.07 10.10
N PRO B 7 -19.23 9.49 11.37
CA PRO B 7 -18.02 9.38 12.18
C PRO B 7 -17.72 7.91 12.46
N GLN B 8 -16.50 7.50 12.10
CA GLN B 8 -16.09 6.12 12.29
C GLN B 8 -15.38 5.90 13.64
N ALA B 9 -15.52 4.70 14.18
CA ALA B 9 -14.92 4.35 15.46
C ALA B 9 -13.42 4.18 15.30
N PRO B 10 -12.62 4.84 16.17
CA PRO B 10 -11.16 4.78 16.13
C PRO B 10 -10.58 3.45 16.62
N ASP B 11 -9.28 3.23 16.34
CA ASP B 11 -8.60 2.02 16.76
C ASP B 11 -8.28 2.17 18.25
N LYS B 12 -8.86 1.29 19.06
CA LYS B 12 -8.66 1.31 20.50
C LYS B 12 -7.20 1.28 20.96
N ILE B 13 -6.43 0.32 20.45
CA ILE B 13 -5.01 0.20 20.82
C ILE B 13 -4.25 1.48 20.49
N LEU B 14 -4.47 2.01 19.30
CA LEU B 14 -3.82 3.24 18.87
C LEU B 14 -4.26 4.42 19.73
N ALA B 15 -5.54 4.41 20.10
CA ALA B 15 -6.11 5.45 20.94
C ALA B 15 -5.46 5.40 22.32
N LEU B 16 -5.25 4.17 22.82
CA LEU B 16 -4.61 3.94 24.10
C LEU B 16 -3.27 4.66 24.08
N MET B 17 -2.54 4.48 22.98
CA MET B 17 -1.24 5.12 22.79
C MET B 17 -1.40 6.64 22.74
N GLY B 18 -2.55 7.09 22.25
CA GLY B 18 -2.82 8.51 22.17
C GLY B 18 -3.00 9.13 23.56
N GLU B 19 -3.70 8.42 24.43
CA GLU B 19 -3.94 8.89 25.79
C GLU B 19 -2.79 8.41 26.70
N PHE B 20 -1.58 8.81 26.35
CA PHE B 20 -0.40 8.45 27.13
C PHE B 20 0.63 9.57 27.07
N GLY B 27 5.39 8.48 36.51
CA GLY B 27 5.38 7.04 36.69
C GLY B 27 4.57 6.33 35.63
N LYS B 28 4.59 6.86 34.41
CA LYS B 28 3.85 6.27 33.30
C LYS B 28 4.54 5.01 32.81
N ILE B 29 3.79 3.92 32.77
CA ILE B 29 4.32 2.65 32.29
C ILE B 29 3.43 2.21 31.14
N ASP B 30 3.98 2.24 29.92
CA ASP B 30 3.22 1.88 28.74
C ASP B 30 3.30 0.41 28.38
N LEU B 31 2.14 -0.25 28.44
CA LEU B 31 1.98 -1.66 28.11
C LEU B 31 0.87 -1.75 27.06
N GLY B 32 0.93 -0.86 26.07
CA GLY B 32 -0.09 -0.84 25.04
C GLY B 32 0.32 -1.46 23.72
N VAL B 33 0.46 -0.60 22.71
CA VAL B 33 0.83 -1.00 21.35
C VAL B 33 1.89 -2.10 21.27
N GLY B 34 1.62 -3.09 20.44
CA GLY B 34 2.51 -4.20 20.27
C GLY B 34 3.77 -3.97 19.48
N VAL B 35 4.72 -3.25 20.08
CA VAL B 35 5.99 -3.01 19.43
C VAL B 35 7.06 -3.45 20.43
N TYR B 36 8.19 -3.93 19.95
CA TYR B 36 9.25 -4.35 20.84
C TYR B 36 9.99 -3.12 21.35
N LYS B 37 10.39 -3.14 22.62
CA LYS B 37 11.12 -2.04 23.21
C LYS B 37 12.27 -2.58 24.04
N ASP B 38 13.39 -1.88 24.05
CA ASP B 38 14.54 -2.30 24.83
C ASP B 38 14.40 -1.77 26.26
N ALA B 39 15.33 -2.15 27.12
CA ALA B 39 15.33 -1.72 28.52
C ALA B 39 15.09 -0.22 28.67
N THR B 40 15.62 0.55 27.74
CA THR B 40 15.46 2.01 27.75
C THR B 40 14.23 2.53 27.00
N GLY B 41 13.20 1.69 26.91
CA GLY B 41 11.98 2.09 26.23
C GLY B 41 12.10 2.54 24.78
N HIS B 42 13.02 1.95 24.04
CA HIS B 42 13.23 2.33 22.65
C HIS B 42 12.98 1.14 21.73
N THR B 43 12.49 1.42 20.53
CA THR B 43 12.27 0.40 19.51
C THR B 43 13.41 0.67 18.54
N PRO B 44 14.54 -0.03 18.72
CA PRO B 44 15.71 0.15 17.85
C PRO B 44 15.58 -0.42 16.44
N ILE B 45 16.56 -0.09 15.61
CA ILE B 45 16.64 -0.57 14.24
C ILE B 45 17.67 -1.69 14.33
N MET B 46 17.30 -2.88 13.90
CA MET B 46 18.22 -4.01 13.95
C MET B 46 19.49 -3.77 13.15
N ARG B 47 20.61 -4.24 13.69
CA ARG B 47 21.91 -4.07 13.05
C ARG B 47 21.93 -4.47 11.57
N ALA B 48 21.47 -5.68 11.27
CA ALA B 48 21.45 -6.17 9.90
C ALA B 48 20.58 -5.29 8.99
N VAL B 49 19.46 -4.82 9.53
CA VAL B 49 18.54 -3.97 8.78
C VAL B 49 19.26 -2.69 8.38
N HIS B 50 20.00 -2.13 9.33
CA HIS B 50 20.76 -0.91 9.10
C HIS B 50 21.85 -1.13 8.04
N ALA B 51 22.54 -2.27 8.13
CA ALA B 51 23.59 -2.62 7.19
C ALA B 51 22.99 -2.83 5.81
N ALA B 52 21.80 -3.42 5.78
CA ALA B 52 21.10 -3.69 4.53
C ALA B 52 20.78 -2.37 3.81
N GLU B 53 20.26 -1.41 4.55
CA GLU B 53 19.92 -0.10 3.98
C GLU B 53 21.12 0.61 3.38
N GLN B 54 22.27 0.48 4.04
CA GLN B 54 23.51 1.09 3.57
C GLN B 54 23.92 0.42 2.25
N ARG B 55 23.85 -0.90 2.22
CA ARG B 55 24.20 -1.66 1.03
C ARG B 55 23.25 -1.27 -0.10
N MET B 56 21.99 -1.01 0.26
CA MET B 56 20.98 -0.62 -0.70
C MET B 56 21.26 0.75 -1.31
N LEU B 57 21.57 1.71 -0.45
CA LEU B 57 21.87 3.09 -0.84
C LEU B 57 23.05 3.17 -1.81
N GLU B 58 23.87 2.13 -1.78
CA GLU B 58 25.06 2.05 -2.61
C GLU B 58 24.86 1.29 -3.93
N THR B 59 24.11 0.20 -3.88
CA THR B 59 23.88 -0.62 -5.07
C THR B 59 22.69 -0.26 -5.96
N GLU B 60 21.68 0.40 -5.42
CA GLU B 60 20.51 0.75 -6.24
C GLU B 60 20.78 1.93 -7.17
N THR B 61 20.55 1.71 -8.46
CA THR B 61 20.76 2.73 -9.48
C THR B 61 19.48 3.29 -10.09
N THR B 62 18.34 2.70 -9.77
CA THR B 62 17.06 3.16 -10.32
C THR B 62 15.91 2.89 -9.36
N LYS B 63 14.82 3.63 -9.55
CA LYS B 63 13.64 3.46 -8.73
C LYS B 63 12.38 3.24 -9.57
N THR B 64 12.54 2.82 -10.84
CA THR B 64 11.41 2.57 -11.72
C THR B 64 10.49 1.48 -11.18
N TYR B 65 9.32 1.38 -11.77
CA TYR B 65 8.35 0.37 -11.38
C TYR B 65 8.97 -1.00 -11.45
N ALA B 66 8.63 -1.84 -10.49
CA ALA B 66 9.17 -3.20 -10.42
C ALA B 66 8.06 -4.24 -10.54
N GLY B 67 8.16 -5.31 -9.76
CA GLY B 67 7.16 -6.36 -9.81
C GLY B 67 5.85 -6.03 -9.12
N LEU B 68 4.75 -6.31 -9.81
CA LEU B 68 3.40 -6.05 -9.30
C LEU B 68 3.05 -6.96 -8.10
N SER B 69 3.58 -8.18 -8.12
CA SER B 69 3.35 -9.14 -7.04
C SER B 69 4.51 -9.14 -6.05
N GLY B 70 5.45 -8.21 -6.26
CA GLY B 70 6.62 -8.13 -5.41
C GLY B 70 7.82 -8.61 -6.22
N GLU B 71 8.99 -8.63 -5.59
CA GLU B 71 10.20 -9.05 -6.27
C GLU B 71 10.43 -10.53 -6.03
N PRO B 72 10.89 -11.24 -7.06
CA PRO B 72 11.14 -12.69 -6.97
C PRO B 72 11.99 -13.07 -5.76
N GLU B 73 13.04 -12.30 -5.48
CA GLU B 73 13.93 -12.56 -4.36
C GLU B 73 13.18 -12.49 -3.03
N PHE B 74 12.32 -11.50 -2.90
CA PHE B 74 11.54 -11.32 -1.67
C PHE B 74 10.57 -12.49 -1.51
N GLN B 75 9.88 -12.81 -2.59
CA GLN B 75 8.92 -13.90 -2.60
C GLN B 75 9.58 -15.21 -2.20
N LYS B 76 10.74 -15.48 -2.76
CA LYS B 76 11.46 -16.72 -2.45
C LYS B 76 11.94 -16.74 -1.00
N ALA B 77 12.64 -15.69 -0.58
CA ALA B 77 13.16 -15.61 0.77
C ALA B 77 12.06 -15.77 1.82
N MET B 78 10.92 -15.14 1.59
CA MET B 78 9.79 -15.22 2.51
C MET B 78 9.18 -16.62 2.52
N GLY B 79 9.05 -17.21 1.34
CA GLY B 79 8.48 -18.55 1.27
C GLY B 79 9.32 -19.54 2.06
N GLU B 80 10.64 -19.42 1.93
CA GLU B 80 11.57 -20.30 2.62
C GLU B 80 11.58 -20.06 4.13
N LEU B 81 11.52 -18.80 4.54
CA LEU B 81 11.50 -18.46 5.95
C LEU B 81 10.29 -19.06 6.65
N ILE B 82 9.12 -18.98 6.00
CA ILE B 82 7.89 -19.51 6.58
C ILE B 82 7.77 -21.03 6.49
N LEU B 83 7.88 -21.58 5.29
CA LEU B 83 7.70 -23.01 5.09
C LEU B 83 8.95 -23.88 5.05
N GLY B 84 10.13 -23.26 5.14
CA GLY B 84 11.36 -24.03 5.10
C GLY B 84 11.44 -24.90 3.86
N ASP B 85 11.75 -26.17 4.05
CA ASP B 85 11.85 -27.11 2.93
C ASP B 85 10.47 -27.61 2.46
N GLY B 86 9.43 -27.21 3.18
CA GLY B 86 8.08 -27.59 2.80
C GLY B 86 7.53 -26.63 1.76
N LEU B 87 8.43 -25.90 1.08
CA LEU B 87 8.03 -24.94 0.07
C LEU B 87 8.01 -25.57 -1.32
N LYS B 88 6.81 -25.74 -1.86
CA LYS B 88 6.62 -26.32 -3.18
C LYS B 88 6.30 -25.17 -4.15
N SER B 89 7.36 -24.57 -4.70
CA SER B 89 7.24 -23.44 -5.63
C SER B 89 6.15 -23.58 -6.70
N GLU B 90 6.13 -24.72 -7.38
CA GLU B 90 5.15 -24.96 -8.45
C GLU B 90 3.69 -24.89 -8.04
N THR B 91 3.42 -24.91 -6.74
CA THR B 91 2.05 -24.87 -6.27
C THR B 91 1.75 -23.74 -5.27
N THR B 92 2.68 -22.80 -5.10
CA THR B 92 2.49 -21.69 -4.18
C THR B 92 2.50 -20.35 -4.93
N ALA B 93 1.59 -19.45 -4.55
CA ALA B 93 1.51 -18.12 -5.14
C ALA B 93 1.93 -17.13 -4.06
N THR B 94 2.68 -16.09 -4.44
CA THR B 94 3.15 -15.11 -3.47
C THR B 94 2.84 -13.68 -3.87
N LEU B 95 2.31 -12.90 -2.94
CA LEU B 95 1.98 -11.51 -3.20
C LEU B 95 2.63 -10.62 -2.15
N ALA B 96 3.44 -9.67 -2.59
CA ALA B 96 4.07 -8.72 -1.67
C ALA B 96 2.96 -7.73 -1.34
N THR B 97 2.75 -7.50 -0.05
CA THR B 97 1.69 -6.62 0.40
C THR B 97 2.18 -5.46 1.28
N VAL B 98 1.24 -4.59 1.65
CA VAL B 98 1.52 -3.43 2.50
C VAL B 98 1.37 -3.90 3.96
N GLY B 99 2.42 -4.49 4.51
CA GLY B 99 2.37 -4.98 5.87
C GLY B 99 1.51 -6.22 5.99
N GLY B 100 1.53 -6.84 7.16
CA GLY B 100 0.73 -8.04 7.38
C GLY B 100 -0.75 -7.73 7.26
N THR B 101 -1.14 -6.54 7.68
CA THR B 101 -2.54 -6.12 7.62
C THR B 101 -2.99 -6.13 6.16
N GLY B 102 -2.16 -5.60 5.28
CA GLY B 102 -2.48 -5.58 3.87
C GLY B 102 -2.61 -7.01 3.38
N ALA B 103 -1.82 -7.91 3.94
CA ALA B 103 -1.85 -9.32 3.56
C ALA B 103 -3.18 -9.95 3.93
N LEU B 104 -3.66 -9.64 5.13
CA LEU B 104 -4.93 -10.18 5.61
C LEU B 104 -6.07 -9.71 4.72
N ARG B 105 -6.10 -8.41 4.48
CA ARG B 105 -7.13 -7.81 3.64
C ARG B 105 -7.12 -8.44 2.24
N GLN B 106 -5.95 -8.57 1.67
CA GLN B 106 -5.80 -9.15 0.34
C GLN B 106 -6.25 -10.61 0.37
N ALA B 107 -6.03 -11.28 1.50
CA ALA B 107 -6.43 -12.68 1.68
C ALA B 107 -7.96 -12.81 1.71
N LEU B 108 -8.61 -11.89 2.41
CA LEU B 108 -10.07 -11.89 2.52
C LEU B 108 -10.72 -11.60 1.17
N GLU B 109 -10.11 -10.70 0.40
CA GLU B 109 -10.61 -10.35 -0.92
C GLU B 109 -10.47 -11.52 -1.87
N LEU B 110 -9.28 -12.12 -1.89
CA LEU B 110 -9.00 -13.27 -2.75
C LEU B 110 -10.02 -14.37 -2.50
N ALA B 111 -10.19 -14.73 -1.22
CA ALA B 111 -11.10 -15.76 -0.79
C ALA B 111 -12.53 -15.48 -1.23
N ARG B 112 -13.01 -14.27 -0.98
CA ARG B 112 -14.37 -13.91 -1.34
C ARG B 112 -14.62 -14.00 -2.84
N MET B 113 -13.55 -13.83 -3.63
CA MET B 113 -13.69 -13.93 -5.08
C MET B 113 -14.01 -15.38 -5.46
N ALA B 114 -13.41 -16.33 -4.76
CA ALA B 114 -13.63 -17.74 -5.03
C ALA B 114 -14.86 -18.26 -4.33
N ASN B 115 -15.28 -17.56 -3.28
CA ASN B 115 -16.44 -17.99 -2.51
C ASN B 115 -17.19 -16.79 -1.93
N PRO B 116 -18.18 -16.28 -2.68
CA PRO B 116 -18.98 -15.13 -2.26
C PRO B 116 -19.76 -15.42 -0.98
N ASP B 117 -20.01 -16.70 -0.72
CA ASP B 117 -20.76 -17.10 0.47
C ASP B 117 -19.87 -17.56 1.62
N LEU B 118 -18.64 -17.07 1.66
CA LEU B 118 -17.74 -17.48 2.72
C LEU B 118 -17.99 -16.84 4.07
N ARG B 119 -17.69 -17.60 5.12
CA ARG B 119 -17.84 -17.13 6.50
C ARG B 119 -16.45 -17.27 7.08
N VAL B 120 -16.15 -16.47 8.09
CA VAL B 120 -14.85 -16.54 8.73
C VAL B 120 -14.97 -16.82 10.22
N PHE B 121 -14.27 -17.84 10.67
CA PHE B 121 -14.24 -18.21 12.07
C PHE B 121 -12.99 -17.57 12.68
N VAL B 122 -13.16 -16.87 13.79
CA VAL B 122 -12.05 -16.23 14.48
C VAL B 122 -12.03 -16.69 15.92
N SER B 123 -10.85 -16.67 16.53
CA SER B 123 -10.70 -17.11 17.90
C SER B 123 -11.35 -16.17 18.89
N ASP B 124 -11.78 -16.74 20.01
CA ASP B 124 -12.40 -15.96 21.07
C ASP B 124 -11.42 -15.90 22.22
N PRO B 125 -10.70 -14.77 22.37
CA PRO B 125 -10.73 -13.56 21.53
C PRO B 125 -9.64 -13.59 20.44
N THR B 126 -9.55 -12.49 19.70
CA THR B 126 -8.57 -12.36 18.63
C THR B 126 -8.23 -10.89 18.46
N TRP B 127 -7.25 -10.63 17.60
CA TRP B 127 -6.81 -9.27 17.29
C TRP B 127 -8.04 -8.52 16.77
N PRO B 128 -8.46 -7.46 17.48
CA PRO B 128 -9.62 -6.64 17.12
C PRO B 128 -9.67 -6.22 15.66
N ASN B 129 -8.52 -5.98 15.07
CA ASN B 129 -8.45 -5.56 13.68
C ASN B 129 -8.99 -6.61 12.72
N HIS B 130 -8.89 -7.89 13.10
CA HIS B 130 -9.40 -8.97 12.26
C HIS B 130 -10.89 -8.78 11.99
N VAL B 131 -11.65 -8.62 13.07
CA VAL B 131 -13.10 -8.44 12.99
C VAL B 131 -13.46 -7.11 12.30
N SER B 132 -12.72 -6.06 12.66
CA SER B 132 -12.95 -4.74 12.10
C SER B 132 -12.90 -4.80 10.57
N ILE B 133 -11.83 -5.36 10.02
CA ILE B 133 -11.70 -5.47 8.57
C ILE B 133 -12.85 -6.30 8.00
N MET B 134 -13.14 -7.42 8.64
CA MET B 134 -14.23 -8.29 8.19
C MET B 134 -15.58 -7.56 8.26
N ASN B 135 -15.73 -6.70 9.27
CA ASN B 135 -16.97 -5.94 9.44
C ASN B 135 -17.09 -5.00 8.25
N PHE B 136 -16.04 -4.23 8.02
CA PHE B 136 -15.97 -3.28 6.93
C PHE B 136 -16.37 -3.95 5.61
N MET B 137 -15.79 -5.11 5.33
CA MET B 137 -16.08 -5.86 4.11
C MET B 137 -17.49 -6.48 4.12
N GLY B 138 -18.08 -6.59 5.31
CA GLY B 138 -19.40 -7.18 5.43
C GLY B 138 -19.38 -8.70 5.36
N LEU B 139 -18.29 -9.31 5.79
CA LEU B 139 -18.18 -10.77 5.78
C LEU B 139 -18.71 -11.32 7.11
N PRO B 140 -19.48 -12.41 7.06
CA PRO B 140 -20.04 -13.04 8.26
C PRO B 140 -18.94 -13.57 9.17
N VAL B 141 -18.92 -13.11 10.42
CA VAL B 141 -17.93 -13.54 11.39
C VAL B 141 -18.53 -14.47 12.43
N GLN B 142 -17.83 -15.58 12.66
CA GLN B 142 -18.24 -16.56 13.66
C GLN B 142 -17.03 -16.76 14.54
N THR B 143 -17.25 -17.12 15.79
CA THR B 143 -16.16 -17.31 16.72
C THR B 143 -16.02 -18.75 17.18
N TYR B 144 -14.80 -19.13 17.53
CA TYR B 144 -14.55 -20.45 18.05
C TYR B 144 -13.88 -20.23 19.39
N ARG B 145 -14.26 -21.03 20.40
CA ARG B 145 -13.69 -20.91 21.72
C ARG B 145 -12.19 -21.16 21.61
N TYR B 146 -11.41 -20.38 22.33
CA TYR B 146 -9.97 -20.53 22.27
C TYR B 146 -9.34 -20.30 23.63
N PHE B 147 -9.55 -19.12 24.20
CA PHE B 147 -8.98 -18.78 25.50
C PHE B 147 -9.80 -19.28 26.67
N ASP B 148 -9.14 -19.96 27.60
CA ASP B 148 -9.79 -20.50 28.79
C ASP B 148 -9.58 -19.45 29.88
N ALA B 149 -10.60 -18.64 30.12
CA ALA B 149 -10.53 -17.56 31.10
C ALA B 149 -10.07 -17.92 32.52
N GLU B 150 -10.29 -19.16 32.95
CA GLU B 150 -9.87 -19.55 34.29
C GLU B 150 -8.40 -19.95 34.35
N THR B 151 -8.02 -20.93 33.55
CA THR B 151 -6.65 -21.42 33.51
C THR B 151 -5.72 -20.59 32.65
N ARG B 152 -6.28 -19.61 31.93
CA ARG B 152 -5.51 -18.74 31.04
C ARG B 152 -4.84 -19.50 29.90
N GLY B 153 -5.20 -20.76 29.72
CA GLY B 153 -4.62 -21.54 28.65
C GLY B 153 -5.59 -21.60 27.50
N VAL B 154 -5.52 -22.65 26.71
CA VAL B 154 -6.43 -22.81 25.59
C VAL B 154 -7.49 -23.85 25.91
N ASP B 155 -8.75 -23.49 25.62
CA ASP B 155 -9.87 -24.38 25.83
C ASP B 155 -9.93 -25.21 24.55
N PHE B 156 -9.00 -26.15 24.42
CA PHE B 156 -8.91 -26.99 23.22
C PHE B 156 -10.17 -27.80 22.91
N GLU B 157 -10.78 -28.40 23.93
CA GLU B 157 -11.99 -29.16 23.72
C GLU B 157 -13.08 -28.29 23.09
N GLY B 158 -13.24 -27.09 23.64
CA GLY B 158 -14.22 -26.16 23.11
C GLY B 158 -13.87 -25.71 21.70
N MET B 159 -12.59 -25.51 21.44
CA MET B 159 -12.13 -25.09 20.13
C MET B 159 -12.45 -26.15 19.07
N LYS B 160 -12.14 -27.41 19.39
CA LYS B 160 -12.40 -28.52 18.47
C LYS B 160 -13.88 -28.69 18.17
N ALA B 161 -14.71 -28.45 19.19
CA ALA B 161 -16.16 -28.58 19.05
C ALA B 161 -16.71 -27.60 18.01
N ASP B 162 -16.37 -26.32 18.19
CA ASP B 162 -16.84 -25.27 17.30
C ASP B 162 -16.23 -25.35 15.91
N LEU B 163 -14.98 -25.78 15.84
CA LEU B 163 -14.30 -25.90 14.56
C LEU B 163 -14.93 -26.98 13.68
N ALA B 164 -15.40 -28.04 14.31
CA ALA B 164 -16.04 -29.14 13.60
C ALA B 164 -17.33 -28.67 12.93
N ALA B 165 -17.89 -27.58 13.44
CA ALA B 165 -19.12 -27.02 12.90
C ALA B 165 -18.92 -26.19 11.64
N ALA B 166 -17.66 -26.06 11.20
CA ALA B 166 -17.35 -25.31 9.99
C ALA B 166 -17.76 -26.15 8.79
N LYS B 167 -18.04 -25.50 7.67
CA LYS B 167 -18.44 -26.24 6.47
C LYS B 167 -17.42 -25.98 5.37
N LYS B 168 -17.52 -26.72 4.28
CA LYS B 168 -16.60 -26.57 3.16
C LYS B 168 -16.72 -25.15 2.63
N GLY B 169 -15.59 -24.53 2.34
CA GLY B 169 -15.61 -23.16 1.84
C GLY B 169 -15.52 -22.11 2.92
N ASP B 170 -15.71 -22.52 4.18
CA ASP B 170 -15.59 -21.60 5.30
C ASP B 170 -14.12 -21.33 5.51
N MET B 171 -13.81 -20.22 6.17
CA MET B 171 -12.42 -19.86 6.42
C MET B 171 -12.19 -19.79 7.93
N VAL B 172 -11.13 -20.45 8.39
CA VAL B 172 -10.76 -20.46 9.79
C VAL B 172 -9.46 -19.68 9.94
N LEU B 173 -9.51 -18.57 10.68
CA LEU B 173 -8.32 -17.76 10.89
C LEU B 173 -7.55 -18.17 12.15
N LEU B 174 -6.37 -18.75 11.92
CA LEU B 174 -5.52 -19.20 13.02
C LEU B 174 -4.28 -18.33 13.10
N HIS B 175 -3.79 -18.12 14.31
CA HIS B 175 -2.58 -17.35 14.53
C HIS B 175 -1.48 -18.41 14.48
N GLY B 176 -0.48 -18.21 13.62
CA GLY B 176 0.60 -19.19 13.49
C GLY B 176 1.30 -19.51 14.79
N CYS B 177 1.41 -18.50 15.64
CA CYS B 177 2.07 -18.61 16.94
C CYS B 177 1.87 -17.27 17.63
N CYS B 178 2.37 -17.14 18.85
CA CYS B 178 2.27 -15.90 19.61
C CYS B 178 0.92 -15.19 19.46
N HIS B 179 -0.14 -15.88 19.89
CA HIS B 179 -1.51 -15.41 19.81
C HIS B 179 -1.72 -14.04 20.44
N ASN B 180 -2.19 -13.12 19.62
CA ASN B 180 -2.49 -11.76 20.03
C ASN B 180 -4.02 -11.75 20.17
N PRO B 181 -4.56 -11.29 21.32
CA PRO B 181 -3.96 -10.74 22.54
C PRO B 181 -3.62 -11.64 23.74
N THR B 182 -4.09 -12.88 23.77
CA THR B 182 -3.88 -13.75 24.93
C THR B 182 -2.51 -14.29 25.31
N GLY B 183 -1.71 -14.67 24.32
CA GLY B 183 -0.41 -15.23 24.61
C GLY B 183 -0.53 -16.73 24.85
N ALA B 184 -1.74 -17.26 24.72
CA ALA B 184 -2.02 -18.68 24.89
C ALA B 184 -1.81 -19.28 23.50
N ASN B 185 -1.07 -20.38 23.41
CA ASN B 185 -0.76 -20.99 22.13
C ASN B 185 -0.95 -22.49 22.09
N LEU B 186 -1.20 -23.02 20.90
CA LEU B 186 -1.42 -24.44 20.71
C LEU B 186 -0.10 -25.20 20.66
N THR B 187 -0.12 -26.46 21.08
CA THR B 187 1.08 -27.28 21.03
C THR B 187 1.06 -27.92 19.64
N LEU B 188 2.15 -28.58 19.27
CA LEU B 188 2.22 -29.22 17.96
C LEU B 188 1.22 -30.35 17.88
N ASP B 189 0.92 -30.95 19.03
CA ASP B 189 -0.03 -32.05 19.08
C ASP B 189 -1.43 -31.52 18.80
N GLN B 190 -1.74 -30.37 19.41
CA GLN B 190 -3.04 -29.73 19.21
C GLN B 190 -3.18 -29.30 17.76
N TRP B 191 -2.09 -28.86 17.15
CA TRP B 191 -2.08 -28.44 15.76
C TRP B 191 -2.45 -29.60 14.83
N ALA B 192 -1.92 -30.78 15.13
CA ALA B 192 -2.19 -31.96 14.32
C ALA B 192 -3.69 -32.26 14.39
N GLU B 193 -4.27 -32.17 15.58
CA GLU B 193 -5.70 -32.43 15.73
C GLU B 193 -6.51 -31.45 14.90
N ILE B 194 -6.15 -30.18 14.98
CA ILE B 194 -6.84 -29.14 14.22
C ILE B 194 -6.77 -29.41 12.72
N ALA B 195 -5.65 -29.96 12.27
CA ALA B 195 -5.47 -30.30 10.86
C ALA B 195 -6.48 -31.39 10.49
N SER B 196 -6.68 -32.34 11.39
CA SER B 196 -7.63 -33.45 11.17
C SER B 196 -9.02 -32.89 10.94
N ILE B 197 -9.44 -31.98 11.81
CA ILE B 197 -10.75 -31.36 11.71
C ILE B 197 -10.89 -30.60 10.39
N LEU B 198 -9.90 -29.78 10.07
CA LEU B 198 -9.90 -28.99 8.85
C LEU B 198 -10.05 -29.82 7.58
N GLU B 199 -9.26 -30.87 7.44
CA GLU B 199 -9.36 -31.70 6.25
C GLU B 199 -10.69 -32.44 6.20
N LYS B 200 -11.25 -32.76 7.37
CA LYS B 200 -12.54 -33.44 7.41
C LYS B 200 -13.68 -32.51 6.98
N THR B 201 -13.56 -31.24 7.32
CA THR B 201 -14.60 -30.26 6.99
C THR B 201 -14.44 -29.52 5.67
N GLY B 202 -13.22 -29.46 5.15
CA GLY B 202 -12.99 -28.76 3.89
C GLY B 202 -12.96 -27.25 4.05
N ALA B 203 -12.56 -26.78 5.22
CA ALA B 203 -12.47 -25.34 5.50
C ALA B 203 -11.07 -24.87 5.11
N LEU B 204 -10.97 -23.63 4.64
CA LEU B 204 -9.71 -23.02 4.24
C LEU B 204 -9.08 -22.30 5.42
N PRO B 205 -7.90 -22.74 5.86
CA PRO B 205 -7.28 -22.06 6.99
C PRO B 205 -6.48 -20.84 6.55
N LEU B 206 -6.73 -19.71 7.21
CA LEU B 206 -6.02 -18.48 6.94
C LEU B 206 -5.14 -18.29 8.17
N ILE B 207 -3.83 -18.37 7.98
CA ILE B 207 -2.90 -18.24 9.08
C ILE B 207 -2.31 -16.84 9.12
N ASP B 208 -2.37 -16.23 10.30
CA ASP B 208 -1.83 -14.89 10.52
C ASP B 208 -0.51 -15.11 11.23
N LEU B 209 0.59 -14.91 10.51
CA LEU B 209 1.93 -15.10 11.05
C LEU B 209 2.60 -13.73 11.17
N ALA B 210 2.51 -13.14 12.36
CA ALA B 210 3.08 -11.81 12.59
C ALA B 210 4.24 -11.74 13.58
N TYR B 211 4.48 -12.82 14.31
CA TYR B 211 5.56 -12.84 15.29
C TYR B 211 6.50 -14.05 15.19
N GLN B 212 6.74 -14.54 13.98
CA GLN B 212 7.63 -15.69 13.83
C GLN B 212 9.01 -15.30 14.37
N GLY B 213 9.36 -15.85 15.51
CA GLY B 213 10.65 -15.56 16.12
C GLY B 213 10.57 -15.00 17.53
N PHE B 214 9.37 -14.66 17.96
CA PHE B 214 9.19 -14.10 19.30
C PHE B 214 8.70 -15.12 20.31
N GLY B 215 8.34 -16.31 19.83
CA GLY B 215 7.86 -17.35 20.71
C GLY B 215 8.97 -18.24 21.23
N ASP B 216 9.21 -19.33 20.51
CA ASP B 216 10.22 -20.33 20.86
C ASP B 216 11.43 -20.36 19.92
N GLY B 217 11.36 -19.63 18.82
CA GLY B 217 12.46 -19.61 17.87
C GLY B 217 11.91 -19.49 16.48
N LEU B 218 12.75 -19.07 15.53
CA LEU B 218 12.33 -18.90 14.14
C LEU B 218 11.68 -20.14 13.52
N GLU B 219 12.39 -21.27 13.55
CA GLU B 219 11.85 -22.50 12.99
C GLU B 219 10.68 -23.04 13.83
N GLU B 220 10.86 -23.02 15.16
CA GLU B 220 9.83 -23.52 16.08
C GLU B 220 8.49 -22.82 15.94
N ASP B 221 8.51 -21.51 15.79
CA ASP B 221 7.28 -20.74 15.64
C ASP B 221 6.54 -20.98 14.34
N ALA B 222 7.18 -21.68 13.42
CA ALA B 222 6.59 -22.00 12.13
C ALA B 222 6.16 -23.48 12.04
N ALA B 223 6.46 -24.24 13.09
CA ALA B 223 6.11 -25.66 13.14
C ALA B 223 4.64 -25.93 12.81
N GLY B 224 3.75 -25.16 13.44
CA GLY B 224 2.32 -25.32 13.23
C GLY B 224 1.88 -25.01 11.81
N THR B 225 2.38 -23.91 11.27
CA THR B 225 2.05 -23.50 9.90
C THR B 225 2.55 -24.53 8.90
N ARG B 226 3.71 -25.12 9.18
CA ARG B 226 4.29 -26.13 8.30
C ARG B 226 3.49 -27.43 8.35
N LEU B 227 2.95 -27.76 9.51
CA LEU B 227 2.14 -28.96 9.67
C LEU B 227 0.83 -28.83 8.89
N ILE B 228 0.18 -27.68 8.99
CA ILE B 228 -1.07 -27.46 8.27
C ILE B 228 -0.80 -27.52 6.77
N ALA B 229 0.27 -26.86 6.35
CA ALA B 229 0.65 -26.82 4.94
C ALA B 229 0.94 -28.20 4.37
N SER B 230 1.42 -29.11 5.22
CA SER B 230 1.72 -30.47 4.79
C SER B 230 0.48 -31.34 4.73
N ARG B 231 -0.51 -31.04 5.56
CA ARG B 231 -1.74 -31.81 5.57
C ARG B 231 -2.81 -31.27 4.61
N ILE B 232 -3.17 -30.01 4.79
CA ILE B 232 -4.20 -29.36 3.97
C ILE B 232 -3.64 -28.90 2.61
N PRO B 233 -4.28 -29.33 1.50
CA PRO B 233 -3.90 -28.99 0.12
C PRO B 233 -3.91 -27.50 -0.26
N GLU B 234 -4.85 -26.74 0.30
CA GLU B 234 -4.93 -25.32 0.02
C GLU B 234 -4.93 -24.56 1.32
N VAL B 235 -4.03 -23.59 1.45
CA VAL B 235 -3.93 -22.80 2.66
C VAL B 235 -3.41 -21.40 2.36
N LEU B 236 -3.85 -20.43 3.17
CA LEU B 236 -3.43 -19.06 2.98
C LEU B 236 -2.59 -18.61 4.18
N ILE B 237 -1.47 -17.95 3.91
CA ILE B 237 -0.62 -17.46 4.97
C ILE B 237 -0.36 -15.97 4.79
N ALA B 238 -0.74 -15.17 5.78
CA ALA B 238 -0.53 -13.72 5.77
C ALA B 238 0.63 -13.42 6.73
N ALA B 239 1.80 -13.13 6.17
CA ALA B 239 2.97 -12.87 6.98
C ALA B 239 3.34 -11.38 7.11
N SER B 240 3.90 -11.03 8.26
CA SER B 240 4.32 -9.67 8.54
C SER B 240 5.80 -9.62 8.90
N CYS B 241 6.51 -8.63 8.36
CA CYS B 241 7.92 -8.45 8.66
C CYS B 241 8.10 -7.24 9.59
N SER B 242 6.97 -6.63 9.98
CA SER B 242 6.99 -5.47 10.86
C SER B 242 7.73 -5.68 12.17
N LYS B 243 7.44 -6.78 12.85
CA LYS B 243 8.04 -7.06 14.13
C LYS B 243 9.35 -7.83 14.13
N ASN B 244 9.37 -9.01 13.50
CA ASN B 244 10.61 -9.81 13.49
C ASN B 244 11.79 -9.17 12.76
N PHE B 245 11.52 -8.09 12.02
CA PHE B 245 12.57 -7.37 11.31
C PHE B 245 12.61 -5.92 11.83
N GLY B 246 11.63 -5.57 12.65
CA GLY B 246 11.57 -4.23 13.22
C GLY B 246 11.43 -3.10 12.21
N ILE B 247 10.75 -3.36 11.10
CA ILE B 247 10.55 -2.35 10.05
C ILE B 247 9.09 -1.95 9.93
N TYR B 248 8.45 -1.82 11.09
CA TYR B 248 7.03 -1.45 11.20
C TYR B 248 6.53 -0.42 10.18
N ARG B 249 7.16 0.75 10.13
CA ARG B 249 6.74 1.82 9.23
C ARG B 249 7.01 1.63 7.74
N GLU B 250 7.79 0.63 7.37
CA GLU B 250 8.08 0.39 5.97
C GLU B 250 6.88 -0.28 5.29
N ARG B 251 6.08 -0.97 6.09
CA ARG B 251 4.89 -1.66 5.63
C ARG B 251 5.24 -2.78 4.65
N THR B 252 5.75 -3.87 5.19
CA THR B 252 6.14 -5.00 4.36
C THR B 252 5.72 -6.35 4.92
N GLY B 253 5.06 -7.13 4.08
CA GLY B 253 4.61 -8.45 4.44
C GLY B 253 4.22 -9.12 3.15
N CYS B 254 3.63 -10.32 3.22
CA CYS B 254 3.21 -10.98 2.00
C CYS B 254 2.14 -12.02 2.24
N LEU B 255 1.42 -12.33 1.17
CA LEU B 255 0.37 -13.33 1.23
C LEU B 255 0.82 -14.51 0.38
N LEU B 256 0.79 -15.70 0.99
CA LEU B 256 1.17 -16.91 0.30
C LEU B 256 -0.09 -17.74 0.12
N ALA B 257 -0.33 -18.21 -1.10
CA ALA B 257 -1.48 -19.04 -1.40
C ALA B 257 -0.97 -20.43 -1.78
N LEU B 258 -1.20 -21.41 -0.90
CA LEU B 258 -0.79 -22.78 -1.14
C LEU B 258 -1.95 -23.43 -1.88
N CYS B 259 -1.67 -23.98 -3.05
CA CYS B 259 -2.70 -24.61 -3.87
C CYS B 259 -2.43 -26.10 -4.08
N ALA B 260 -3.40 -26.79 -4.67
CA ALA B 260 -3.28 -28.23 -4.91
C ALA B 260 -2.52 -28.55 -6.19
N ASP B 261 -2.59 -27.67 -7.18
CA ASP B 261 -1.89 -27.91 -8.43
C ASP B 261 -1.42 -26.62 -9.07
N ALA B 262 -0.51 -26.74 -10.03
CA ALA B 262 0.04 -25.59 -10.73
C ALA B 262 -1.01 -24.73 -11.43
N ALA B 263 -1.99 -25.37 -12.04
CA ALA B 263 -3.05 -24.64 -12.74
C ALA B 263 -3.74 -23.67 -11.78
N THR B 264 -4.24 -24.18 -10.67
CA THR B 264 -4.92 -23.36 -9.66
C THR B 264 -3.98 -22.26 -9.18
N ARG B 265 -2.72 -22.61 -9.03
CA ARG B 265 -1.70 -21.69 -8.57
C ARG B 265 -1.53 -20.54 -9.55
N GLU B 266 -1.60 -20.86 -10.84
CA GLU B 266 -1.47 -19.83 -11.87
C GLU B 266 -2.69 -18.91 -11.80
N LEU B 267 -3.82 -19.46 -11.37
CA LEU B 267 -5.06 -18.70 -11.22
C LEU B 267 -4.93 -17.73 -10.05
N ALA B 268 -4.49 -18.25 -8.91
CA ALA B 268 -4.34 -17.48 -7.69
C ALA B 268 -3.33 -16.34 -7.87
N GLN B 269 -2.19 -16.66 -8.47
CA GLN B 269 -1.16 -15.66 -8.69
C GLN B 269 -1.73 -14.53 -9.56
N GLY B 270 -2.55 -14.92 -10.54
CA GLY B 270 -3.16 -13.94 -11.42
C GLY B 270 -4.16 -13.05 -10.68
N ALA B 271 -4.94 -13.65 -9.78
CA ALA B 271 -5.92 -12.88 -9.01
C ALA B 271 -5.25 -12.00 -7.97
N MET B 272 -4.16 -12.50 -7.39
CA MET B 272 -3.42 -11.76 -6.38
C MET B 272 -2.80 -10.50 -6.98
N ALA B 273 -2.16 -10.65 -8.14
CA ALA B 273 -1.54 -9.53 -8.83
C ALA B 273 -2.61 -8.48 -9.14
N PHE B 274 -3.70 -8.95 -9.74
CA PHE B 274 -4.82 -8.09 -10.10
C PHE B 274 -5.33 -7.34 -8.87
N LEU B 275 -5.27 -7.99 -7.71
CA LEU B 275 -5.71 -7.41 -6.45
C LEU B 275 -4.84 -6.23 -6.01
N ASN B 276 -3.56 -6.26 -6.36
CA ASN B 276 -2.66 -5.16 -5.98
C ASN B 276 -2.88 -4.03 -6.97
N ARG B 277 -3.05 -4.42 -8.23
CA ARG B 277 -3.27 -3.47 -9.32
C ARG B 277 -4.45 -2.55 -9.06
N GLN B 278 -5.59 -3.13 -8.70
CA GLN B 278 -6.82 -2.39 -8.45
C GLN B 278 -6.89 -1.65 -7.11
N THR B 279 -5.95 -1.91 -6.22
CA THR B 279 -5.95 -1.26 -4.91
C THR B 279 -4.94 -0.11 -4.79
N TYR B 280 -3.72 -0.33 -5.27
CA TYR B 280 -2.67 0.69 -5.19
C TYR B 280 -1.56 0.50 -6.23
N SER B 281 -1.80 -0.39 -7.19
CA SER B 281 -0.84 -0.67 -8.24
C SER B 281 0.33 -1.51 -7.70
N PHE B 282 1.52 -0.93 -7.61
CA PHE B 282 2.68 -1.67 -7.11
C PHE B 282 2.85 -1.64 -5.59
N PRO B 283 3.40 -2.71 -5.02
CA PRO B 283 3.60 -2.75 -3.56
C PRO B 283 4.86 -1.95 -3.16
N PRO B 284 4.88 -1.40 -1.94
CA PRO B 284 6.05 -0.64 -1.47
C PRO B 284 7.32 -1.50 -1.50
N PHE B 285 8.36 -0.96 -2.12
CA PHE B 285 9.62 -1.67 -2.30
C PHE B 285 10.66 -1.67 -1.17
N HIS B 286 10.94 -0.50 -0.61
CA HIS B 286 11.98 -0.37 0.41
C HIS B 286 12.09 -1.44 1.47
N GLY B 287 10.99 -1.78 2.12
CA GLY B 287 11.02 -2.77 3.18
C GLY B 287 11.27 -4.18 2.70
N ALA B 288 10.64 -4.54 1.57
CA ALA B 288 10.80 -5.87 1.01
C ALA B 288 12.25 -6.12 0.64
N LYS B 289 12.91 -5.06 0.17
CA LYS B 289 14.32 -5.12 -0.23
C LYS B 289 15.22 -5.36 0.97
N ILE B 290 14.93 -4.68 2.08
CA ILE B 290 15.71 -4.84 3.29
C ILE B 290 15.64 -6.29 3.73
N VAL B 291 14.42 -6.83 3.74
CA VAL B 291 14.16 -8.20 4.14
C VAL B 291 14.89 -9.25 3.30
N SER B 292 14.73 -9.20 1.98
CA SER B 292 15.40 -10.17 1.11
C SER B 292 16.92 -10.01 1.18
N THR B 293 17.38 -8.77 1.26
CA THR B 293 18.82 -8.49 1.36
C THR B 293 19.37 -9.20 2.60
N VAL B 294 18.68 -9.05 3.73
CA VAL B 294 19.10 -9.68 4.98
C VAL B 294 19.03 -11.20 4.86
N LEU B 295 17.92 -11.70 4.33
CA LEU B 295 17.70 -13.13 4.17
C LEU B 295 18.62 -13.82 3.17
N THR B 296 19.16 -13.09 2.20
CA THR B 296 20.02 -13.71 1.21
C THR B 296 21.50 -13.44 1.44
N THR B 297 21.82 -12.59 2.40
CA THR B 297 23.22 -12.29 2.70
C THR B 297 23.58 -13.01 4.00
N PRO B 298 24.22 -14.19 3.88
CA PRO B 298 24.63 -15.03 5.02
C PRO B 298 25.13 -14.27 6.25
N GLU B 299 25.92 -13.23 6.00
CA GLU B 299 26.47 -12.42 7.07
C GLU B 299 25.35 -11.69 7.82
N LEU B 300 24.45 -11.06 7.07
CA LEU B 300 23.32 -10.32 7.64
C LEU B 300 22.30 -11.27 8.29
N ARG B 301 21.99 -12.37 7.62
CA ARG B 301 21.04 -13.34 8.15
C ARG B 301 21.51 -13.87 9.51
N ALA B 302 22.80 -14.18 9.60
CA ALA B 302 23.37 -14.70 10.85
C ALA B 302 23.24 -13.70 12.00
N ASP B 303 23.51 -12.43 11.71
CA ASP B 303 23.42 -11.39 12.74
C ASP B 303 21.98 -11.07 13.11
N TRP B 304 21.07 -11.18 12.15
CA TRP B 304 19.67 -10.91 12.39
C TRP B 304 19.10 -12.00 13.30
N MET B 305 19.35 -13.27 12.93
CA MET B 305 18.90 -14.40 13.73
C MET B 305 19.37 -14.21 15.18
N ALA B 306 20.62 -13.77 15.34
CA ALA B 306 21.21 -13.56 16.66
C ALA B 306 20.52 -12.46 17.48
N GLU B 307 20.30 -11.30 16.87
CA GLU B 307 19.65 -10.20 17.56
C GLU B 307 18.21 -10.58 17.93
N LEU B 308 17.52 -11.25 17.00
CA LEU B 308 16.15 -11.67 17.23
C LEU B 308 16.16 -12.68 18.40
N GLU B 309 17.18 -13.53 18.45
CA GLU B 309 17.33 -14.52 19.51
C GLU B 309 17.47 -13.80 20.84
N ALA B 310 18.32 -12.77 20.86
CA ALA B 310 18.57 -11.97 22.04
C ALA B 310 17.26 -11.35 22.56
N VAL B 311 16.47 -10.81 21.64
CA VAL B 311 15.17 -10.20 21.97
C VAL B 311 14.24 -11.24 22.59
N ARG B 312 14.07 -12.36 21.89
CA ARG B 312 13.20 -13.46 22.34
C ARG B 312 13.59 -13.93 23.74
N SER B 313 14.87 -14.23 23.93
CA SER B 313 15.40 -14.71 25.20
C SER B 313 15.11 -13.72 26.32
N GLY B 314 15.30 -12.44 26.03
CA GLY B 314 15.07 -11.38 26.99
C GLY B 314 13.64 -11.33 27.51
N MET B 315 12.69 -11.32 26.59
CA MET B 315 11.28 -11.27 26.97
C MET B 315 10.95 -12.48 27.84
N LEU B 316 11.48 -13.64 27.47
CA LEU B 316 11.26 -14.87 28.21
C LEU B 316 11.71 -14.69 29.65
N ARG B 317 12.85 -14.03 29.84
CA ARG B 317 13.38 -13.77 31.17
C ARG B 317 12.41 -12.89 31.94
N LEU B 318 11.99 -11.78 31.31
CA LEU B 318 11.05 -10.85 31.92
C LEU B 318 9.78 -11.54 32.41
N ARG B 319 9.31 -12.55 31.69
CA ARG B 319 8.10 -13.26 32.08
C ARG B 319 8.35 -14.03 33.38
N GLU B 320 9.44 -14.78 33.42
CA GLU B 320 9.81 -15.57 34.59
C GLU B 320 10.04 -14.68 35.81
N GLN B 321 10.55 -13.48 35.54
CA GLN B 321 10.81 -12.51 36.57
C GLN B 321 9.51 -11.95 37.12
N LEU B 322 8.62 -11.55 36.23
CA LEU B 322 7.32 -10.98 36.61
C LEU B 322 6.47 -12.04 37.32
N ALA B 323 6.51 -13.27 36.82
CA ALA B 323 5.74 -14.35 37.43
C ALA B 323 6.26 -14.60 38.84
N GLY B 324 7.58 -14.76 38.97
CA GLY B 324 8.18 -15.01 40.27
C GLY B 324 7.86 -13.93 41.28
N GLU B 325 7.96 -12.67 40.86
CA GLU B 325 7.66 -11.54 41.73
C GLU B 325 6.24 -11.69 42.25
N LEU B 326 5.35 -12.17 41.38
CA LEU B 326 3.96 -12.38 41.75
C LEU B 326 3.79 -13.51 42.75
N ARG B 327 4.50 -14.61 42.53
CA ARG B 327 4.42 -15.77 43.43
C ARG B 327 4.87 -15.36 44.83
N ASP B 328 6.04 -14.72 44.91
CA ASP B 328 6.58 -14.28 46.18
C ASP B 328 5.81 -13.08 46.73
N LEU B 329 4.62 -12.83 46.17
CA LEU B 329 3.76 -11.73 46.59
C LEU B 329 2.32 -12.23 46.68
N SER B 330 2.14 -13.54 46.73
CA SER B 330 0.80 -14.12 46.83
C SER B 330 0.84 -15.51 47.45
N GLY B 331 2.01 -16.16 47.39
CA GLY B 331 2.16 -17.49 47.95
C GLY B 331 1.41 -18.52 47.13
N SER B 332 0.97 -18.14 45.94
CA SER B 332 0.24 -19.03 45.07
C SER B 332 0.71 -18.87 43.63
N ASP B 333 0.78 -19.98 42.91
CA ASP B 333 1.23 -19.94 41.52
C ASP B 333 0.04 -19.76 40.57
N ARG B 334 -0.89 -18.89 40.96
CA ARG B 334 -2.07 -18.63 40.12
C ARG B 334 -1.64 -17.88 38.87
N PHE B 335 -0.70 -16.97 39.05
CA PHE B 335 -0.17 -16.17 37.96
C PHE B 335 0.93 -16.88 37.19
N GLY B 336 1.17 -18.15 37.53
CA GLY B 336 2.20 -18.92 36.86
C GLY B 336 2.10 -18.86 35.35
N PHE B 337 0.87 -18.90 34.83
CA PHE B 337 0.59 -18.86 33.40
C PHE B 337 1.39 -17.80 32.64
N VAL B 338 1.75 -16.72 33.32
CA VAL B 338 2.50 -15.64 32.70
C VAL B 338 3.82 -16.18 32.13
N ALA B 339 4.42 -17.13 32.82
CA ALA B 339 5.67 -17.73 32.38
C ALA B 339 5.43 -18.79 31.31
N GLU B 340 4.19 -19.28 31.23
CA GLU B 340 3.81 -20.30 30.25
C GLU B 340 3.43 -19.69 28.91
N HIS B 341 2.81 -18.50 28.97
CA HIS B 341 2.40 -17.80 27.77
C HIS B 341 3.62 -17.51 26.93
N ARG B 342 3.45 -17.46 25.63
CA ARG B 342 4.57 -17.22 24.75
C ARG B 342 4.20 -16.13 23.75
N GLY B 343 5.14 -15.22 23.51
CA GLY B 343 4.92 -14.13 22.58
C GLY B 343 5.27 -12.79 23.17
N MET B 344 4.63 -11.74 22.68
CA MET B 344 4.89 -10.40 23.16
C MET B 344 3.83 -9.94 24.17
N PHE B 345 2.66 -10.57 24.10
CA PHE B 345 1.56 -10.20 24.97
C PHE B 345 1.20 -11.32 25.92
N SER B 346 0.24 -11.03 26.80
CA SER B 346 -0.23 -11.97 27.79
C SER B 346 -1.47 -11.31 28.40
N ARG B 347 -2.57 -12.05 28.47
CA ARG B 347 -3.78 -11.50 29.08
C ARG B 347 -3.83 -11.92 30.54
N LEU B 348 -3.84 -10.91 31.41
CA LEU B 348 -3.86 -11.12 32.86
C LEU B 348 -5.16 -11.67 33.43
N GLY B 349 -6.28 -11.13 32.94
CA GLY B 349 -7.58 -11.57 33.43
C GLY B 349 -8.31 -10.48 34.19
N ALA B 350 -7.61 -9.41 34.52
CA ALA B 350 -8.19 -8.29 35.24
C ALA B 350 -9.45 -7.81 34.50
N THR B 351 -10.56 -7.76 35.22
CA THR B 351 -11.82 -7.33 34.63
C THR B 351 -11.73 -5.86 34.22
N PRO B 352 -12.69 -5.38 33.39
CA PRO B 352 -12.69 -3.99 32.93
C PRO B 352 -12.64 -3.02 34.12
N GLU B 353 -13.33 -3.38 35.19
CA GLU B 353 -13.38 -2.59 36.42
C GLU B 353 -11.96 -2.33 36.93
N GLN B 354 -11.21 -3.42 37.07
CA GLN B 354 -9.84 -3.36 37.56
C GLN B 354 -8.87 -2.73 36.56
N VAL B 355 -8.92 -3.17 35.31
CA VAL B 355 -8.01 -2.66 34.29
C VAL B 355 -7.91 -1.14 34.22
N LYS B 356 -9.05 -0.46 34.18
CA LYS B 356 -9.04 0.99 34.11
C LYS B 356 -8.61 1.58 35.45
N ARG B 357 -8.96 0.89 36.52
CA ARG B 357 -8.60 1.31 37.87
C ARG B 357 -7.07 1.35 38.02
N ILE B 358 -6.40 0.33 37.49
CA ILE B 358 -4.94 0.24 37.54
C ILE B 358 -4.29 1.42 36.83
N LYS B 359 -4.64 1.61 35.56
CA LYS B 359 -4.07 2.72 34.79
C LYS B 359 -4.33 4.07 35.46
N GLU B 360 -5.44 4.15 36.19
CA GLU B 360 -5.81 5.37 36.88
C GLU B 360 -4.96 5.60 38.13
N GLU B 361 -5.08 4.71 39.11
CA GLU B 361 -4.33 4.85 40.36
C GLU B 361 -3.00 4.09 40.43
N PHE B 362 -2.32 3.99 39.29
CA PHE B 362 -1.01 3.34 39.19
C PHE B 362 -0.18 3.90 38.04
N GLY B 363 -0.85 4.54 37.08
CA GLY B 363 -0.16 5.12 35.95
C GLY B 363 0.39 4.14 34.93
N ILE B 364 -0.08 2.91 34.97
CA ILE B 364 0.36 1.89 34.01
C ILE B 364 -0.74 1.62 32.99
N TYR B 365 -0.48 2.01 31.75
CA TYR B 365 -1.43 1.87 30.66
C TYR B 365 -1.39 0.55 29.91
N MET B 366 -2.47 -0.22 29.99
CA MET B 366 -2.58 -1.50 29.30
C MET B 366 -3.93 -1.49 28.57
N VAL B 367 -4.08 -2.38 27.60
CA VAL B 367 -5.33 -2.44 26.83
C VAL B 367 -6.47 -2.97 27.72
N GLY B 368 -7.64 -2.34 27.59
CA GLY B 368 -8.83 -2.69 28.37
C GLY B 368 -9.08 -4.14 28.76
N ASP B 369 -8.81 -5.06 27.86
CA ASP B 369 -9.00 -6.48 28.15
C ASP B 369 -7.88 -7.07 29.00
N SER B 370 -7.04 -6.21 29.57
CA SER B 370 -5.90 -6.58 30.40
C SER B 370 -4.74 -7.20 29.60
N ARG B 371 -4.59 -6.78 28.35
CA ARG B 371 -3.50 -7.28 27.53
C ARG B 371 -2.31 -6.39 27.82
N ILE B 372 -1.20 -7.02 28.23
CA ILE B 372 0.02 -6.27 28.53
C ILE B 372 1.14 -6.65 27.57
N ASN B 373 2.01 -5.69 27.27
CA ASN B 373 3.14 -5.94 26.39
C ASN B 373 4.34 -6.19 27.29
N ILE B 374 4.71 -7.46 27.43
CA ILE B 374 5.85 -7.87 28.25
C ILE B 374 7.11 -7.07 27.93
N ALA B 375 7.31 -6.77 26.65
CA ALA B 375 8.49 -6.01 26.22
C ALA B 375 8.54 -4.62 26.88
N GLY B 376 7.37 -4.07 27.20
CA GLY B 376 7.33 -2.78 27.84
C GLY B 376 7.45 -2.91 29.34
N LEU B 377 8.37 -3.75 29.80
CA LEU B 377 8.57 -3.99 31.21
C LEU B 377 10.05 -4.26 31.48
N ASN B 378 10.49 -4.00 32.69
CA ASN B 378 11.89 -4.22 33.09
C ASN B 378 12.00 -4.39 34.60
N ASP B 379 13.20 -4.68 35.08
CA ASP B 379 13.47 -4.88 36.51
C ASP B 379 12.88 -3.77 37.40
N ASN B 380 12.89 -2.56 36.87
CA ASN B 380 12.40 -1.37 37.57
C ASN B 380 10.87 -1.34 37.70
N THR B 381 10.19 -1.70 36.62
CA THR B 381 8.73 -1.67 36.61
C THR B 381 8.02 -2.96 36.99
N ILE B 382 8.70 -4.09 36.87
CA ILE B 382 8.11 -5.40 37.21
C ILE B 382 7.48 -5.43 38.60
N PRO B 383 8.26 -5.13 39.66
CA PRO B 383 7.68 -5.16 41.01
C PRO B 383 6.46 -4.23 41.16
N ILE B 384 6.50 -3.10 40.48
CA ILE B 384 5.40 -2.13 40.54
C ILE B 384 4.13 -2.78 39.96
N LEU B 385 4.27 -3.42 38.79
CA LEU B 385 3.13 -4.07 38.15
C LEU B 385 2.64 -5.22 39.02
N ALA B 386 3.56 -5.98 39.57
CA ALA B 386 3.23 -7.11 40.43
C ALA B 386 2.43 -6.61 41.62
N ARG B 387 2.95 -5.58 42.29
CA ARG B 387 2.30 -4.99 43.44
C ARG B 387 0.92 -4.48 43.03
N ALA B 388 0.86 -3.80 41.89
CA ALA B 388 -0.37 -3.25 41.36
C ALA B 388 -1.50 -4.27 41.26
N ILE B 389 -1.28 -5.32 40.48
CA ILE B 389 -2.31 -6.35 40.32
C ILE B 389 -2.62 -7.08 41.62
N ILE B 390 -1.70 -7.02 42.59
CA ILE B 390 -1.91 -7.65 43.88
C ILE B 390 -2.80 -6.73 44.73
N GLU B 391 -2.51 -5.43 44.67
CA GLU B 391 -3.27 -4.42 45.40
C GLU B 391 -4.72 -4.55 44.96
N VAL B 392 -4.95 -4.29 43.67
CA VAL B 392 -6.28 -4.36 43.09
C VAL B 392 -6.57 -5.79 42.62
N GLY B 393 -6.51 -6.73 43.55
CA GLY B 393 -6.75 -8.13 43.23
C GLY B 393 -8.12 -8.35 42.63
N VAL B 394 -9.07 -7.51 43.02
CA VAL B 394 -10.45 -7.58 42.53
C VAL B 394 -11.05 -6.16 42.57
N1 PLP C . -2.60 8.74 -12.57
C2 PLP C . -1.99 8.90 -13.76
C2A PLP C . -2.74 9.52 -14.92
C3 PLP C . -0.70 8.51 -13.91
O3 PLP C . -0.08 8.71 -15.15
C4 PLP C . -0.03 7.93 -12.84
C4A PLP C . 1.27 7.50 -12.98
C5 PLP C . -0.71 7.78 -11.62
C6 PLP C . -1.98 8.19 -11.53
C5A PLP C . -0.08 7.26 -10.37
O4P PLP C . 0.96 6.36 -10.33
P PLP C . 1.38 5.90 -8.90
O1P PLP C . 1.91 7.03 -8.11
O2P PLP C . 2.57 5.05 -9.39
O3P PLP C . 0.38 5.00 -8.32
N1 PLP D . -1.80 -9.52 12.99
C2 PLP D . -1.34 -9.46 14.27
C2A PLP D . -1.95 -10.34 15.29
C3 PLP D . -0.33 -8.61 14.59
O3 PLP D . 0.08 -8.54 15.93
C4 PLP D . 0.26 -7.81 13.57
C4A PLP D . 1.33 -6.97 13.82
C5 PLP D . -0.26 -7.91 12.25
C6 PLP D . -1.28 -8.77 12.00
C5A PLP D . 0.32 -7.14 11.06
O4P PLP D . 0.74 -5.82 11.24
P PLP D . 1.42 -5.04 10.09
O1P PLP D . 2.59 -5.77 9.61
O2P PLP D . 1.95 -3.81 10.94
O3P PLP D . 0.37 -4.60 9.15
C1 CXP E . -0.96 -3.15 15.57
C2 CXP E . -1.95 -2.28 16.33
C3 CXP E . -3.20 -1.95 15.51
C4 CXP E . -2.84 -1.31 14.17
C5 CXP E . -1.87 -2.20 13.39
C6 CXP E . -0.63 -2.50 14.22
C7 CXP E . 0.30 -3.50 16.37
C8 CXP E . 0.21 -4.82 17.17
C9 CXP E . -0.83 -4.78 18.28
O1 CXP E . -0.72 -3.92 19.19
O2 CXP E . -1.77 -5.59 18.26
#